data_7ANG
#
_entry.id   7ANG
#
_cell.length_a   42.258
_cell.length_b   121.670
_cell.length_c   153.797
_cell.angle_alpha   90.00
_cell.angle_beta   90.00
_cell.angle_gamma   90.00
#
_symmetry.space_group_name_H-M   'P 21 21 21'
#
loop_
_entity.id
_entity.type
_entity.pdbx_description
1 polymer 'Thymidine diphospho-4-keto-rhamnose 3,5-epimerase'
2 water water
#
_entity_poly.entity_id   1
_entity_poly.type   'polypeptide(L)'
_entity_poly.pdbx_seq_one_letter_code
;AIEFDIQESKILKGVYIITPNKFRDLRGEIWTAFTDEYLSKLVPDGIKFKHDKFINSHFNVLRGIHGDVKTYKLVTCVYG
EVHQVVVDCRKDSPTYLKWEKFIISYKNQQLILLPPNMGNSHYVSSKEAVYYYKLAYEGEYMDAPDQFTYAWNDERIGID
WPTNTPILSDRDILATK
;
_entity_poly.pdbx_strand_id   A,B,C,D
#
# COMPACT_ATOMS: atom_id res chain seq x y z
N ALA A 1 -2.73 11.18 29.78
CA ALA A 1 -1.43 11.82 30.18
C ALA A 1 -0.65 12.18 28.93
N ILE A 2 -0.13 13.40 28.90
CA ILE A 2 0.57 13.95 27.74
C ILE A 2 1.99 14.32 28.10
N GLU A 3 2.94 13.49 27.65
CA GLU A 3 4.36 13.64 27.97
C GLU A 3 5.15 13.72 26.71
N PHE A 4 6.26 14.46 26.78
CA PHE A 4 7.26 14.47 25.73
C PHE A 4 8.63 14.36 26.34
N ASP A 5 9.42 13.38 25.88
CA ASP A 5 10.85 13.35 26.14
C ASP A 5 11.50 14.24 25.06
N ILE A 6 12.33 15.17 25.50
CA ILE A 6 13.04 16.11 24.63
C ILE A 6 14.56 15.94 24.86
N GLN A 7 15.28 15.74 23.76
CA GLN A 7 16.73 15.47 23.76
C GLN A 7 17.32 16.23 22.61
N GLU A 8 18.37 17.00 22.89
CA GLU A 8 19.15 17.63 21.84
C GLU A 8 19.97 16.53 21.15
N SER A 9 20.13 16.67 19.84
CA SER A 9 21.05 15.85 19.07
C SER A 9 22.43 15.97 19.69
N LYS A 10 23.18 14.85 19.71
CA LYS A 10 24.54 14.86 20.22
C LYS A 10 25.55 15.46 19.22
N ILE A 11 25.14 15.56 17.94
CA ILE A 11 26.06 15.90 16.86
C ILE A 11 25.71 17.16 16.10
N LEU A 12 24.41 17.49 15.97
CA LEU A 12 23.97 18.76 15.40
C LEU A 12 23.29 19.65 16.44
N LYS A 13 24.02 20.65 16.94
CA LYS A 13 23.52 21.56 17.93
C LYS A 13 22.23 22.26 17.46
N GLY A 14 21.25 22.34 18.36
CA GLY A 14 19.98 22.99 18.11
C GLY A 14 18.92 22.13 17.47
N VAL A 15 19.26 20.89 17.13
CA VAL A 15 18.34 19.91 16.59
C VAL A 15 17.87 19.08 17.76
N TYR A 16 16.54 18.93 17.88
CA TYR A 16 15.92 18.26 19.02
C TYR A 16 15.10 17.07 18.56
N ILE A 17 15.18 15.97 19.34
CA ILE A 17 14.44 14.76 19.11
C ILE A 17 13.35 14.70 20.20
N ILE A 18 12.10 14.69 19.75
CA ILE A 18 10.95 14.71 20.62
C ILE A 18 10.19 13.40 20.51
N THR A 19 10.10 12.70 21.66
CA THR A 19 9.45 11.41 21.75
C THR A 19 8.19 11.54 22.61
N PRO A 20 6.98 11.40 22.02
CA PRO A 20 5.75 11.44 22.78
C PRO A 20 5.50 10.08 23.39
N ASN A 21 4.72 10.03 24.47
CA ASN A 21 4.11 8.79 24.92
C ASN A 21 2.94 8.44 24.02
N LYS A 22 2.58 7.15 23.94
CA LYS A 22 1.49 6.67 23.14
C LYS A 22 0.72 5.71 23.95
N PHE A 23 -0.61 5.73 23.80
CA PHE A 23 -1.48 4.74 24.40
C PHE A 23 -1.79 3.76 23.30
N ARG A 24 -1.67 2.47 23.59
CA ARG A 24 -1.83 1.42 22.61
C ARG A 24 -2.78 0.36 23.14
N ASP A 25 -3.61 -0.19 22.27
CA ASP A 25 -4.47 -1.32 22.60
C ASP A 25 -4.94 -2.00 21.33
N LEU A 26 -5.92 -2.91 21.45
CA LEU A 26 -6.42 -3.66 20.33
C LEU A 26 -6.96 -2.78 19.20
N ARG A 27 -7.54 -1.62 19.55
CA ARG A 27 -8.13 -0.70 18.58
C ARG A 27 -7.07 -0.01 17.71
N GLY A 28 -5.91 0.28 18.32
CA GLY A 28 -4.77 0.88 17.67
C GLY A 28 -4.00 1.75 18.67
N GLU A 29 -3.62 2.96 18.26
CA GLU A 29 -2.78 3.82 19.07
C GLU A 29 -3.25 5.24 19.00
N ILE A 30 -3.12 5.93 20.14
CA ILE A 30 -3.42 7.32 20.28
C ILE A 30 -2.18 8.00 20.81
N TRP A 31 -1.85 9.16 20.24
CA TRP A 31 -0.79 9.97 20.76
C TRP A 31 -0.96 11.45 20.40
N THR A 32 -0.37 12.31 21.22
CA THR A 32 -0.37 13.74 21.00
C THR A 32 0.97 14.10 20.44
N ALA A 33 0.96 14.73 19.26
CA ALA A 33 2.17 15.05 18.55
C ALA A 33 2.75 16.40 19.00
N PHE A 34 1.89 17.26 19.55
CA PHE A 34 2.29 18.61 19.89
C PHE A 34 1.28 19.22 20.84
N THR A 35 1.79 19.87 21.88
CA THR A 35 1.02 20.85 22.66
C THR A 35 1.84 22.13 22.73
N ASP A 36 1.12 23.26 22.69
CA ASP A 36 1.66 24.58 22.87
C ASP A 36 2.33 24.69 24.25
N GLU A 37 1.61 24.24 25.29
CA GLU A 37 2.09 24.21 26.68
C GLU A 37 3.52 23.64 26.82
N TYR A 38 3.78 22.52 26.14
CA TYR A 38 5.03 21.76 26.27
C TYR A 38 6.10 22.14 25.23
N LEU A 39 5.72 22.25 23.96
CA LEU A 39 6.67 22.37 22.85
C LEU A 39 6.84 23.76 22.22
N SER A 40 6.12 24.77 22.70
CA SER A 40 6.32 26.14 22.16
C SER A 40 7.64 26.76 22.64
N LYS A 41 8.21 26.21 23.72
CA LYS A 41 9.50 26.61 24.28
C LYS A 41 10.71 26.07 23.49
N LEU A 42 10.45 25.29 22.44
CA LEU A 42 11.47 24.82 21.51
C LEU A 42 11.93 25.91 20.51
N VAL A 43 11.14 26.98 20.40
CA VAL A 43 11.43 28.10 19.52
C VAL A 43 11.39 29.39 20.34
N PRO A 44 12.13 30.44 19.94
CA PRO A 44 12.19 31.69 20.70
C PRO A 44 10.83 32.31 20.95
N ASP A 45 10.76 33.18 21.94
CA ASP A 45 9.51 33.91 22.27
C ASP A 45 9.15 34.77 21.07
N GLY A 46 7.84 34.84 20.80
CA GLY A 46 7.33 35.59 19.66
C GLY A 46 7.16 34.80 18.39
N ILE A 47 7.88 33.69 18.26
CA ILE A 47 7.74 32.77 17.12
C ILE A 47 6.79 31.62 17.50
N LYS A 48 5.72 31.45 16.72
CA LYS A 48 4.72 30.41 16.92
C LYS A 48 4.64 29.42 15.76
N PHE A 49 4.29 28.18 16.11
CA PHE A 49 3.90 27.17 15.14
C PHE A 49 2.56 27.53 14.57
N LYS A 50 2.50 27.81 13.27
CA LYS A 50 1.28 28.37 12.66
C LYS A 50 0.81 27.72 11.38
N HIS A 51 1.51 26.69 10.94
CA HIS A 51 1.24 25.93 9.73
C HIS A 51 1.38 24.47 10.01
N ASP A 52 0.43 23.68 9.53
CA ASP A 52 0.49 22.22 9.61
C ASP A 52 0.37 21.72 8.19
N LYS A 53 1.27 20.80 7.82
CA LYS A 53 1.43 20.40 6.44
C LYS A 53 1.58 18.89 6.40
N PHE A 54 0.99 18.26 5.38
CA PHE A 54 1.14 16.82 5.15
C PHE A 54 1.70 16.55 3.75
N ILE A 55 2.58 15.55 3.68
CA ILE A 55 3.08 15.05 2.39
C ILE A 55 2.89 13.57 2.34
N ASN A 56 2.03 13.13 1.42
CA ASN A 56 1.75 11.72 1.19
C ASN A 56 2.55 11.29 -0.05
N SER A 57 3.54 10.40 0.13
CA SER A 57 4.38 9.93 -0.98
C SER A 57 4.50 8.42 -1.05
N HIS A 58 4.83 7.94 -2.24
CA HIS A 58 5.09 6.56 -2.54
C HIS A 58 6.53 6.18 -2.20
N PHE A 59 6.73 4.86 -2.12
CA PHE A 59 8.03 4.26 -2.01
C PHE A 59 9.03 4.93 -2.96
N ASN A 60 10.24 5.18 -2.45
CA ASN A 60 11.38 5.61 -3.25
C ASN A 60 11.37 7.08 -3.64
N VAL A 61 10.35 7.82 -3.18
CA VAL A 61 10.33 9.27 -3.31
C VAL A 61 11.24 9.88 -2.28
N LEU A 62 12.07 10.82 -2.75
CA LEU A 62 13.03 11.54 -1.93
C LEU A 62 12.74 13.02 -2.13
N ARG A 63 12.42 13.70 -1.02
CA ARG A 63 12.16 15.13 -1.01
C ARG A 63 13.30 15.84 -0.33
N GLY A 64 13.89 16.85 -0.98
CA GLY A 64 14.96 17.69 -0.39
C GLY A 64 16.13 17.97 -1.33
N ILE A 65 17.13 18.71 -0.85
CA ILE A 65 17.28 19.19 0.52
C ILE A 65 16.85 20.68 0.53
N HIS A 66 15.90 21.04 1.40
CA HIS A 66 15.27 22.35 1.44
C HIS A 66 15.45 23.07 2.79
N GLY A 67 15.61 24.39 2.75
CA GLY A 67 15.72 25.20 3.94
C GLY A 67 15.59 26.65 3.58
N ASP A 68 15.59 27.50 4.62
CA ASP A 68 15.58 28.95 4.48
C ASP A 68 16.03 29.54 5.79
N VAL A 69 16.17 30.86 5.84
CA VAL A 69 16.73 31.57 6.99
C VAL A 69 15.76 31.71 8.17
N LYS A 70 14.47 31.45 7.95
CA LYS A 70 13.38 31.87 8.83
C LYS A 70 12.55 30.77 9.52
N THR A 71 12.49 29.58 8.92
CA THR A 71 11.48 28.60 9.27
C THR A 71 11.99 27.42 10.11
N TYR A 72 11.48 27.34 11.35
CA TYR A 72 11.62 26.19 12.23
C TYR A 72 10.62 25.16 11.75
N LYS A 73 11.03 23.88 11.75
CA LYS A 73 10.19 22.79 11.31
C LYS A 73 10.21 21.69 12.35
N LEU A 74 9.02 21.15 12.66
CA LEU A 74 8.85 20.00 13.51
C LEU A 74 8.26 18.89 12.65
N VAL A 75 9.04 17.84 12.43
CA VAL A 75 8.76 16.83 11.40
C VAL A 75 8.63 15.44 11.97
N THR A 76 7.73 14.67 11.39
CA THR A 76 7.58 13.27 11.74
C THR A 76 6.88 12.53 10.62
N CYS A 77 6.72 11.22 10.83
CA CYS A 77 5.99 10.36 9.93
C CYS A 77 4.85 9.70 10.70
N VAL A 78 3.63 9.92 10.23
CA VAL A 78 2.43 9.45 10.93
C VAL A 78 1.83 8.23 10.27
N TYR A 79 2.37 7.85 9.10
CA TYR A 79 2.06 6.54 8.52
C TYR A 79 3.21 6.13 7.63
N GLY A 80 3.58 4.85 7.73
CA GLY A 80 4.69 4.30 6.99
C GLY A 80 6.02 4.58 7.66
N GLU A 81 7.04 4.77 6.84
CA GLU A 81 8.42 4.92 7.33
C GLU A 81 9.18 5.82 6.40
N VAL A 82 9.96 6.74 6.97
CA VAL A 82 10.86 7.60 6.19
C VAL A 82 12.22 7.65 6.81
N HIS A 83 13.23 7.87 5.97
CA HIS A 83 14.58 8.21 6.42
C HIS A 83 14.59 9.73 6.35
N GLN A 84 14.51 10.37 7.52
CA GLN A 84 14.59 11.80 7.66
C GLN A 84 16.05 12.18 7.80
N VAL A 85 16.50 13.15 7.01
CA VAL A 85 17.87 13.65 7.11
C VAL A 85 17.87 15.15 7.30
N VAL A 86 18.52 15.58 8.37
CA VAL A 86 18.70 16.98 8.68
C VAL A 86 20.14 17.32 8.30
N VAL A 87 20.31 18.38 7.50
CA VAL A 87 21.62 18.88 7.11
C VAL A 87 21.84 20.23 7.78
N ASP A 88 23.04 20.40 8.35
CA ASP A 88 23.45 21.65 8.93
C ASP A 88 23.93 22.56 7.81
N CYS A 89 23.15 23.61 7.51
CA CYS A 89 23.53 24.58 6.47
C CYS A 89 23.97 25.92 7.05
N ARG A 90 24.34 25.91 8.33
CA ARG A 90 24.77 27.11 9.02
C ARG A 90 26.28 27.28 8.81
N LYS A 91 26.67 28.30 8.02
CA LYS A 91 28.08 28.52 7.67
C LYS A 91 29.03 28.77 8.83
N ASP A 92 28.49 29.22 9.96
CA ASP A 92 29.26 29.43 11.19
C ASP A 92 29.31 28.20 12.13
N SER A 93 28.68 27.10 11.74
CA SER A 93 28.58 25.96 12.60
C SER A 93 29.79 25.05 12.39
N PRO A 94 30.38 24.48 13.46
CA PRO A 94 31.48 23.51 13.29
C PRO A 94 31.05 22.24 12.55
N THR A 95 29.74 21.99 12.46
CA THR A 95 29.21 20.86 11.73
C THR A 95 28.51 21.26 10.44
N TYR A 96 28.90 22.41 9.87
CA TYR A 96 28.45 22.86 8.56
C TYR A 96 28.57 21.74 7.53
N LEU A 97 27.46 21.47 6.86
CA LEU A 97 27.32 20.45 5.82
C LEU A 97 27.41 19.02 6.28
N LYS A 98 27.45 18.81 7.60
CA LYS A 98 27.25 17.48 8.18
C LYS A 98 25.76 17.27 8.30
N TRP A 99 25.36 16.02 8.56
CA TRP A 99 24.00 15.59 8.58
C TRP A 99 23.75 14.50 9.60
N GLU A 100 22.46 14.32 9.93
CA GLU A 100 22.05 13.25 10.83
C GLU A 100 20.73 12.67 10.30
N LYS A 101 20.66 11.35 10.29
CA LYS A 101 19.54 10.60 9.83
C LYS A 101 18.73 10.07 11.01
N PHE A 102 17.40 10.18 10.87
CA PHE A 102 16.46 9.52 11.77
C PHE A 102 15.53 8.70 10.91
N ILE A 103 15.44 7.41 11.22
CA ILE A 103 14.48 6.52 10.60
C ILE A 103 13.20 6.60 11.44
N ILE A 104 12.19 7.28 10.91
CA ILE A 104 10.99 7.55 11.66
C ILE A 104 9.88 6.67 11.12
N SER A 105 9.30 5.86 12.00
CA SER A 105 8.24 4.99 11.59
C SER A 105 7.09 5.30 12.47
N TYR A 106 5.90 5.22 11.87
CA TYR A 106 4.66 5.54 12.54
C TYR A 106 4.44 4.61 13.75
N LYS A 107 5.09 3.44 13.73
CA LYS A 107 5.10 2.54 14.87
C LYS A 107 5.93 3.08 16.03
N ASN A 108 6.99 3.84 15.73
CA ASN A 108 7.93 4.36 16.75
C ASN A 108 8.03 5.90 16.70
N GLN A 109 6.97 6.53 17.24
CA GLN A 109 6.68 7.92 17.00
C GLN A 109 7.75 8.83 17.58
N GLN A 110 8.28 9.69 16.74
CA GLN A 110 9.35 10.58 17.08
C GLN A 110 9.28 11.80 16.15
N LEU A 111 9.49 12.99 16.71
CA LEU A 111 9.42 14.24 15.93
C LEU A 111 10.78 14.92 16.04
N ILE A 112 11.24 15.52 14.95
CA ILE A 112 12.54 16.17 14.90
C ILE A 112 12.30 17.65 14.70
N LEU A 113 12.92 18.46 15.56
CA LEU A 113 12.86 19.89 15.45
C LEU A 113 14.13 20.40 14.75
N LEU A 114 13.92 21.08 13.62
CA LEU A 114 14.98 21.73 12.86
C LEU A 114 14.87 23.24 13.07
N PRO A 115 15.96 23.92 13.47
CA PRO A 115 15.96 25.38 13.46
C PRO A 115 16.11 25.85 12.02
N PRO A 116 16.03 27.18 11.78
CA PRO A 116 16.27 27.74 10.46
C PRO A 116 17.70 27.48 9.97
N ASN A 117 17.91 27.66 8.66
CA ASN A 117 19.22 27.48 8.03
C ASN A 117 19.71 26.04 8.14
N MET A 118 18.76 25.12 8.14
CA MET A 118 19.03 23.71 8.12
C MET A 118 18.32 23.14 6.91
N GLY A 119 18.89 22.07 6.37
CA GLY A 119 18.36 21.38 5.23
C GLY A 119 17.44 20.29 5.72
N ASN A 120 16.17 20.34 5.26
CA ASN A 120 15.18 19.29 5.51
C ASN A 120 15.07 18.37 4.30
N SER A 121 15.07 17.07 4.55
CA SER A 121 14.87 16.08 3.50
C SER A 121 14.39 14.78 4.09
N HIS A 122 13.69 13.97 3.26
CA HIS A 122 13.32 12.64 3.65
C HIS A 122 13.14 11.74 2.46
N TYR A 123 13.31 10.44 2.69
CA TYR A 123 13.13 9.38 1.70
C TYR A 123 12.08 8.41 2.24
N VAL A 124 11.12 8.04 1.39
CA VAL A 124 10.07 7.09 1.76
C VAL A 124 10.48 5.64 1.56
N SER A 125 10.71 4.92 2.67
CA SER A 125 11.15 3.52 2.65
C SER A 125 10.04 2.50 2.73
N SER A 126 8.83 2.96 3.05
CA SER A 126 7.63 2.11 3.07
C SER A 126 6.91 2.24 1.73
N LYS A 127 5.91 1.39 1.50
CA LYS A 127 5.10 1.41 0.30
C LYS A 127 4.51 2.81 0.07
N GLU A 128 3.98 3.40 1.14
CA GLU A 128 3.38 4.70 1.18
C GLU A 128 3.76 5.29 2.50
N ALA A 129 3.82 6.63 2.55
CA ALA A 129 4.07 7.30 3.79
C ALA A 129 3.31 8.60 3.86
N VAL A 130 2.96 8.99 5.10
CA VAL A 130 2.42 10.30 5.35
C VAL A 130 3.36 10.99 6.30
N TYR A 131 3.95 12.07 5.80
CA TYR A 131 4.91 12.90 6.51
C TYR A 131 4.09 14.12 7.00
N TYR A 132 4.23 14.44 8.28
CA TYR A 132 3.58 15.53 8.91
C TYR A 132 4.62 16.50 9.36
N TYR A 133 4.40 17.80 9.11
CA TYR A 133 5.24 18.77 9.74
C TYR A 133 4.59 20.06 10.06
N LYS A 134 5.07 20.65 11.16
CA LYS A 134 4.66 21.98 11.62
C LYS A 134 5.76 22.99 11.32
N LEU A 135 5.35 24.19 10.90
CA LEU A 135 6.25 25.29 10.55
C LEU A 135 5.99 26.45 11.51
N ALA A 136 7.07 26.94 12.12
CA ALA A 136 7.02 28.16 12.93
C ALA A 136 7.95 29.19 12.29
N TYR A 137 7.43 30.41 12.12
CA TYR A 137 8.20 31.50 11.54
C TYR A 137 7.56 32.83 11.86
N GLU A 138 8.38 33.89 11.81
CA GLU A 138 7.91 35.29 11.88
C GLU A 138 7.46 35.73 10.48
N GLY A 139 6.42 36.57 10.41
CA GLY A 139 5.95 37.12 9.15
C GLY A 139 5.40 36.12 8.12
N GLU A 140 5.59 36.46 6.83
CA GLU A 140 5.07 35.69 5.70
C GLU A 140 5.74 34.37 5.41
N TYR A 141 4.96 33.43 4.87
CA TYR A 141 5.49 32.13 4.48
C TYR A 141 6.58 32.26 3.40
N MET A 142 7.62 31.45 3.55
CA MET A 142 8.82 31.52 2.76
C MET A 142 8.65 30.54 1.59
N ASP A 143 8.24 31.08 0.43
CA ASP A 143 7.98 30.29 -0.77
C ASP A 143 9.21 29.63 -1.40
N ALA A 144 8.95 28.49 -2.06
CA ALA A 144 9.97 27.67 -2.72
C ALA A 144 11.05 28.43 -3.49
N PRO A 145 10.72 29.41 -4.37
CA PRO A 145 11.75 30.21 -5.06
C PRO A 145 12.70 31.00 -4.14
N ASP A 146 12.29 31.26 -2.89
CA ASP A 146 13.04 32.03 -1.91
C ASP A 146 13.80 31.15 -0.95
N GLN A 147 13.49 29.85 -0.96
CA GLN A 147 14.24 28.86 -0.21
C GLN A 147 15.51 28.46 -0.94
N PHE A 148 16.46 27.89 -0.21
CA PHE A 148 17.60 27.25 -0.86
C PHE A 148 17.33 25.77 -1.06
N THR A 149 18.03 25.20 -2.04
CA THR A 149 18.05 23.76 -2.32
C THR A 149 19.47 23.25 -2.53
N TYR A 150 19.78 22.13 -1.89
CA TYR A 150 20.99 21.34 -2.18
C TYR A 150 20.53 20.04 -2.80
N ALA A 151 21.33 19.55 -3.75
CA ALA A 151 21.12 18.26 -4.40
C ALA A 151 21.15 17.17 -3.32
N TRP A 152 20.22 16.24 -3.43
CA TRP A 152 20.09 15.14 -2.48
C TRP A 152 21.39 14.38 -2.32
N ASN A 153 22.13 14.25 -3.42
CA ASN A 153 23.38 13.49 -3.49
C ASN A 153 24.64 14.36 -3.61
N ASP A 154 24.52 15.64 -3.26
CA ASP A 154 25.64 16.58 -3.20
C ASP A 154 26.83 15.95 -2.47
N GLU A 155 27.98 15.89 -3.15
CA GLU A 155 29.18 15.24 -2.61
C GLU A 155 29.77 15.89 -1.36
N ARG A 156 29.51 17.18 -1.20
CA ARG A 156 29.96 17.93 -0.03
C ARG A 156 29.23 17.48 1.23
N ILE A 157 27.99 17.01 1.07
CA ILE A 157 27.17 16.53 2.16
C ILE A 157 27.41 15.05 2.36
N GLY A 158 27.31 14.27 1.27
CA GLY A 158 27.57 12.83 1.30
C GLY A 158 26.55 12.02 2.10
N ILE A 159 25.26 12.32 1.89
CA ILE A 159 24.24 11.60 2.64
C ILE A 159 24.24 10.15 2.21
N ASP A 160 24.15 9.24 3.18
CA ASP A 160 23.90 7.82 2.94
C ASP A 160 22.38 7.57 2.82
N TRP A 161 21.91 7.50 1.57
CA TRP A 161 20.53 7.21 1.24
C TRP A 161 20.47 5.75 0.84
N PRO A 162 19.36 5.04 1.12
CA PRO A 162 19.25 3.62 0.77
C PRO A 162 19.24 3.30 -0.70
N THR A 163 19.11 4.33 -1.56
CA THR A 163 19.13 4.13 -3.00
C THR A 163 19.98 5.15 -3.73
N ASN A 164 20.40 4.78 -4.94
CA ASN A 164 21.05 5.63 -5.93
C ASN A 164 20.07 6.14 -7.00
N THR A 165 18.83 5.66 -7.00
CA THR A 165 17.86 5.98 -8.05
C THR A 165 16.51 6.41 -7.48
N PRO A 166 16.48 7.48 -6.66
CA PRO A 166 15.24 7.96 -6.06
C PRO A 166 14.32 8.63 -7.08
N ILE A 167 13.03 8.73 -6.73
CA ILE A 167 12.07 9.47 -7.53
C ILE A 167 12.12 10.88 -6.97
N LEU A 168 12.37 11.84 -7.87
CA LEU A 168 12.69 13.22 -7.52
C LEU A 168 11.73 14.21 -8.18
N SER A 169 11.47 15.33 -7.47
CA SER A 169 10.74 16.48 -8.01
C SER A 169 11.64 17.19 -9.00
N ASP A 170 11.04 17.99 -9.87
CA ASP A 170 11.79 18.77 -10.87
C ASP A 170 12.75 19.76 -10.19
N ARG A 171 12.25 20.42 -9.13
CA ARG A 171 13.06 21.26 -8.23
C ARG A 171 14.32 20.51 -7.73
N ASP A 172 14.11 19.31 -7.18
CA ASP A 172 15.17 18.52 -6.56
C ASP A 172 16.12 17.87 -7.60
N ILE A 173 15.61 17.63 -8.83
CA ILE A 173 16.44 17.27 -9.97
C ILE A 173 17.30 18.46 -10.42
N LEU A 174 16.70 19.66 -10.46
CA LEU A 174 17.40 20.86 -10.96
C LEU A 174 18.67 21.13 -10.14
N ALA A 175 18.56 21.01 -8.81
CA ALA A 175 19.71 21.15 -7.91
C ALA A 175 20.83 20.13 -8.19
N THR A 176 20.48 19.02 -8.86
CA THR A 176 21.41 17.97 -9.30
C THR A 176 22.28 18.37 -10.51
N LYS A 177 21.78 19.31 -11.33
CA LYS A 177 22.46 19.79 -12.55
C LYS A 177 22.44 21.31 -12.68
N ALA B 1 16.60 -27.14 -8.20
CA ALA B 1 15.85 -28.32 -7.66
C ALA B 1 14.37 -28.02 -7.52
N ILE B 2 13.52 -28.90 -8.04
CA ILE B 2 12.06 -28.73 -8.06
C ILE B 2 11.38 -29.88 -7.33
N GLU B 3 10.88 -29.56 -6.13
CA GLU B 3 10.15 -30.47 -5.30
C GLU B 3 8.75 -29.93 -5.03
N PHE B 4 7.81 -30.86 -4.82
CA PHE B 4 6.52 -30.54 -4.25
C PHE B 4 6.20 -31.57 -3.19
N ASP B 5 5.85 -31.10 -1.98
CA ASP B 5 5.19 -31.93 -1.00
C ASP B 5 3.69 -31.91 -1.33
N ILE B 6 3.08 -33.09 -1.42
CA ILE B 6 1.66 -33.24 -1.73
C ILE B 6 0.98 -34.01 -0.60
N GLN B 7 -0.12 -33.45 -0.07
CA GLN B 7 -0.86 -34.00 1.05
C GLN B 7 -2.34 -33.84 0.77
N GLU B 8 -3.10 -34.92 0.93
CA GLU B 8 -4.55 -34.84 0.90
C GLU B 8 -5.03 -34.15 2.17
N SER B 9 -6.07 -33.33 2.02
CA SER B 9 -6.77 -32.72 3.15
C SER B 9 -7.17 -33.81 4.13
N LYS B 10 -7.08 -33.49 5.42
CA LYS B 10 -7.55 -34.38 6.49
C LYS B 10 -9.08 -34.36 6.64
N ILE B 11 -9.73 -33.35 6.05
CA ILE B 11 -11.13 -33.01 6.29
C ILE B 11 -12.01 -33.21 5.03
N LEU B 12 -11.48 -32.81 3.88
CA LEU B 12 -12.20 -32.87 2.61
C LEU B 12 -11.50 -33.78 1.61
N LYS B 13 -12.05 -34.98 1.42
CA LYS B 13 -11.47 -35.97 0.53
C LYS B 13 -11.38 -35.41 -0.90
N GLY B 14 -10.24 -35.68 -1.55
CA GLY B 14 -9.99 -35.26 -2.92
C GLY B 14 -9.44 -33.84 -3.06
N VAL B 15 -9.28 -33.13 -1.95
CA VAL B 15 -8.66 -31.82 -1.92
C VAL B 15 -7.22 -32.05 -1.50
N TYR B 16 -6.28 -31.45 -2.25
CA TYR B 16 -4.85 -31.62 -2.02
C TYR B 16 -4.17 -30.29 -1.72
N ILE B 17 -3.21 -30.34 -0.80
CA ILE B 17 -2.39 -29.22 -0.39
C ILE B 17 -0.99 -29.47 -0.95
N ILE B 18 -0.55 -28.54 -1.81
CA ILE B 18 0.72 -28.65 -2.51
C ILE B 18 1.67 -27.56 -2.02
N THR B 19 2.79 -27.99 -1.44
CA THR B 19 3.82 -27.12 -0.90
C THR B 19 5.09 -27.22 -1.75
N PRO B 20 5.45 -26.15 -2.49
CA PRO B 20 6.67 -26.16 -3.30
C PRO B 20 7.86 -25.82 -2.43
N ASN B 21 9.06 -26.24 -2.82
CA ASN B 21 10.28 -25.68 -2.21
C ASN B 21 10.51 -24.29 -2.79
N LYS B 22 11.21 -23.44 -2.05
CA LYS B 22 11.53 -22.10 -2.46
C LYS B 22 13.00 -21.90 -2.20
N PHE B 23 13.66 -21.14 -3.09
CA PHE B 23 14.96 -20.59 -2.80
C PHE B 23 14.69 -19.17 -2.31
N ARG B 24 15.33 -18.79 -1.19
CA ARG B 24 15.16 -17.48 -0.61
C ARG B 24 16.51 -16.87 -0.31
N ASP B 25 16.64 -15.56 -0.50
CA ASP B 25 17.84 -14.83 -0.14
C ASP B 25 17.55 -13.34 -0.07
N LEU B 26 18.60 -12.51 0.01
CA LEU B 26 18.46 -11.08 0.14
C LEU B 26 17.68 -10.45 -1.03
N ARG B 27 17.81 -11.03 -2.24
CA ARG B 27 17.16 -10.52 -3.44
C ARG B 27 15.64 -10.75 -3.42
N GLY B 28 15.22 -11.89 -2.84
CA GLY B 28 13.84 -12.27 -2.70
C GLY B 28 13.68 -13.79 -2.73
N GLU B 29 12.71 -14.29 -3.50
CA GLU B 29 12.38 -15.71 -3.52
C GLU B 29 12.08 -16.18 -4.91
N ILE B 30 12.49 -17.41 -5.21
CA ILE B 30 12.17 -18.10 -6.44
C ILE B 30 11.52 -19.40 -6.09
N TRP B 31 10.42 -19.73 -6.79
CA TRP B 31 9.77 -21.01 -6.65
C TRP B 31 8.97 -21.39 -7.88
N THR B 32 8.82 -22.71 -8.07
CA THR B 32 8.02 -23.25 -9.14
C THR B 32 6.66 -23.63 -8.60
N ALA B 33 5.61 -23.07 -9.17
CA ALA B 33 4.25 -23.28 -8.68
C ALA B 33 3.61 -24.55 -9.26
N PHE B 34 4.11 -24.96 -10.41
CA PHE B 34 3.51 -26.06 -11.16
C PHE B 34 4.48 -26.59 -12.17
N THR B 35 4.58 -27.94 -12.23
CA THR B 35 5.14 -28.62 -13.37
C THR B 35 4.15 -29.69 -13.79
N ASP B 36 4.06 -29.89 -15.11
CA ASP B 36 3.27 -30.92 -15.74
C ASP B 36 3.74 -32.30 -15.27
N GLU B 37 5.06 -32.52 -15.32
CA GLU B 37 5.72 -33.76 -14.88
C GLU B 37 5.22 -34.24 -13.51
N TYR B 38 5.11 -33.31 -12.55
CA TYR B 38 4.81 -33.62 -11.15
C TYR B 38 3.33 -33.55 -10.80
N LEU B 39 2.64 -32.50 -11.22
CA LEU B 39 1.28 -32.20 -10.76
C LEU B 39 0.11 -32.57 -11.69
N SER B 40 0.41 -33.02 -12.92
CA SER B 40 -0.66 -33.38 -13.85
C SER B 40 -1.34 -34.71 -13.49
N LYS B 41 -0.66 -35.51 -12.66
CA LYS B 41 -1.17 -36.78 -12.13
C LYS B 41 -2.20 -36.61 -11.00
N LEU B 42 -2.43 -35.37 -10.57
CA LEU B 42 -3.44 -35.05 -9.56
C LEU B 42 -4.84 -34.91 -10.14
N VAL B 43 -4.94 -34.91 -11.48
CA VAL B 43 -6.23 -34.90 -12.17
C VAL B 43 -6.30 -36.09 -13.13
N PRO B 44 -7.52 -36.62 -13.39
CA PRO B 44 -7.65 -37.83 -14.20
C PRO B 44 -7.03 -37.69 -15.60
N ASP B 45 -6.80 -38.85 -16.23
CA ASP B 45 -6.35 -38.91 -17.61
C ASP B 45 -7.38 -38.24 -18.50
N GLY B 46 -6.88 -37.56 -19.52
CA GLY B 46 -7.66 -36.61 -20.30
C GLY B 46 -7.26 -35.39 -19.54
N ILE B 47 -8.21 -34.49 -19.29
CA ILE B 47 -8.07 -33.38 -18.32
C ILE B 47 -6.67 -32.78 -18.06
N LYS B 48 -6.45 -31.61 -18.67
CA LYS B 48 -5.19 -30.87 -18.62
C LYS B 48 -5.44 -29.45 -18.11
N PHE B 49 -4.44 -28.91 -17.40
CA PHE B 49 -4.44 -27.52 -17.00
C PHE B 49 -4.19 -26.66 -18.23
N LYS B 50 -5.16 -25.80 -18.57
CA LYS B 50 -5.18 -25.08 -19.84
C LYS B 50 -5.30 -23.56 -19.73
N HIS B 51 -5.57 -23.07 -18.51
CA HIS B 51 -5.90 -21.69 -18.23
C HIS B 51 -5.13 -21.25 -17.01
N ASP B 52 -4.48 -20.09 -17.11
CA ASP B 52 -3.80 -19.46 -15.98
C ASP B 52 -4.44 -18.10 -15.80
N LYS B 53 -4.83 -17.80 -14.56
CA LYS B 53 -5.70 -16.66 -14.29
C LYS B 53 -5.20 -15.96 -13.06
N PHE B 54 -5.25 -14.63 -13.07
CA PHE B 54 -4.88 -13.81 -11.93
C PHE B 54 -6.02 -12.90 -11.47
N ILE B 55 -6.16 -12.73 -10.16
CA ILE B 55 -7.13 -11.82 -9.59
C ILE B 55 -6.41 -10.96 -8.59
N ASN B 56 -6.36 -9.66 -8.86
CA ASN B 56 -5.78 -8.65 -7.99
C ASN B 56 -6.93 -7.98 -7.22
N SER B 57 -6.99 -8.16 -5.90
CA SER B 57 -8.04 -7.57 -5.05
C SER B 57 -7.50 -6.77 -3.88
N HIS B 58 -8.30 -5.80 -3.43
CA HIS B 58 -8.00 -5.00 -2.27
C HIS B 58 -8.45 -5.67 -0.99
N PHE B 59 -7.91 -5.15 0.12
CA PHE B 59 -8.33 -5.51 1.46
C PHE B 59 -9.85 -5.64 1.55
N ASN B 60 -10.31 -6.69 2.21
CA ASN B 60 -11.73 -6.85 2.58
C ASN B 60 -12.64 -7.30 1.47
N VAL B 61 -12.07 -7.56 0.29
CA VAL B 61 -12.78 -8.17 -0.82
C VAL B 61 -12.90 -9.67 -0.54
N LEU B 62 -14.12 -10.18 -0.74
CA LEU B 62 -14.44 -11.59 -0.58
C LEU B 62 -15.04 -12.07 -1.88
N ARG B 63 -14.38 -13.05 -2.51
N ARG B 63 -14.38 -13.05 -2.51
CA ARG B 63 -14.86 -13.64 -3.75
CA ARG B 63 -14.86 -13.64 -3.75
C ARG B 63 -15.35 -15.05 -3.45
C ARG B 63 -15.34 -15.05 -3.45
N GLY B 64 -16.58 -15.37 -3.87
CA GLY B 64 -17.16 -16.69 -3.67
C GLY B 64 -18.60 -16.69 -3.16
N ILE B 65 -19.20 -17.89 -2.98
CA ILE B 65 -18.55 -19.18 -3.16
C ILE B 65 -18.96 -19.74 -4.53
N HIS B 66 -17.97 -20.08 -5.37
CA HIS B 66 -18.17 -20.49 -6.76
C HIS B 66 -17.68 -21.90 -7.06
N GLY B 67 -18.45 -22.63 -7.88
CA GLY B 67 -18.04 -23.93 -8.36
C GLY B 67 -18.80 -24.29 -9.62
N ASP B 68 -18.43 -25.42 -10.22
CA ASP B 68 -19.13 -25.96 -11.38
C ASP B 68 -18.88 -27.45 -11.45
N VAL B 69 -19.54 -28.12 -12.40
CA VAL B 69 -19.48 -29.59 -12.51
C VAL B 69 -18.19 -30.12 -13.15
N LYS B 70 -17.42 -29.22 -13.79
CA LYS B 70 -16.39 -29.59 -14.78
C LYS B 70 -14.92 -29.27 -14.42
N THR B 71 -14.71 -28.21 -13.63
CA THR B 71 -13.42 -27.56 -13.53
C THR B 71 -12.66 -27.85 -12.25
N TYR B 72 -11.48 -28.48 -12.42
CA TYR B 72 -10.46 -28.62 -11.40
C TYR B 72 -9.75 -27.27 -11.32
N LYS B 73 -9.44 -26.82 -10.10
CA LYS B 73 -8.78 -25.55 -9.87
C LYS B 73 -7.59 -25.77 -8.95
N LEU B 74 -6.46 -25.15 -9.31
CA LEU B 74 -5.26 -25.12 -8.48
C LEU B 74 -5.02 -23.65 -8.11
N VAL B 75 -5.17 -23.35 -6.81
CA VAL B 75 -5.26 -21.96 -6.34
C VAL B 75 -4.18 -21.63 -5.33
N THR B 76 -3.72 -20.37 -5.36
CA THR B 76 -2.78 -19.88 -4.40
C THR B 76 -2.79 -18.36 -4.40
N CYS B 77 -2.00 -17.78 -3.51
CA CYS B 77 -1.79 -16.36 -3.41
C CYS B 77 -0.31 -16.08 -3.59
N VAL B 78 0.02 -15.28 -4.62
CA VAL B 78 1.40 -14.99 -4.98
C VAL B 78 1.85 -13.62 -4.53
N TYR B 79 0.92 -12.81 -4.02
CA TYR B 79 1.29 -11.59 -3.32
C TYR B 79 0.21 -11.26 -2.32
N GLY B 80 0.64 -10.85 -1.12
CA GLY B 80 -0.24 -10.52 -0.01
C GLY B 80 -0.67 -11.76 0.72
N GLU B 81 -1.91 -11.73 1.21
CA GLU B 81 -2.43 -12.80 2.03
C GLU B 81 -3.94 -12.93 1.82
N VAL B 82 -4.40 -14.17 1.69
CA VAL B 82 -5.84 -14.45 1.59
C VAL B 82 -6.21 -15.57 2.54
N HIS B 83 -7.46 -15.55 2.99
CA HIS B 83 -8.09 -16.69 3.65
C HIS B 83 -8.81 -17.39 2.53
N GLN B 84 -8.23 -18.52 2.10
CA GLN B 84 -8.79 -19.38 1.08
C GLN B 84 -9.69 -20.37 1.79
N VAL B 85 -10.94 -20.50 1.32
CA VAL B 85 -11.88 -21.46 1.89
C VAL B 85 -12.41 -22.34 0.80
N VAL B 86 -12.25 -23.65 0.99
CA VAL B 86 -12.80 -24.67 0.12
C VAL B 86 -14.04 -25.22 0.79
N VAL B 87 -15.15 -25.25 0.04
CA VAL B 87 -16.40 -25.85 0.51
C VAL B 87 -16.67 -27.11 -0.30
N ASP B 88 -17.07 -28.19 0.39
CA ASP B 88 -17.52 -29.40 -0.25
C ASP B 88 -18.96 -29.23 -0.71
N CYS B 89 -19.16 -29.10 -2.03
CA CYS B 89 -20.50 -28.96 -2.61
C CYS B 89 -20.89 -30.20 -3.39
N ARG B 90 -20.26 -31.33 -3.06
CA ARG B 90 -20.63 -32.63 -3.62
C ARG B 90 -21.76 -33.23 -2.77
N LYS B 91 -22.96 -33.26 -3.34
CA LYS B 91 -24.17 -33.69 -2.62
C LYS B 91 -24.12 -35.16 -2.14
N ASP B 92 -23.30 -35.98 -2.80
CA ASP B 92 -23.05 -37.36 -2.40
C ASP B 92 -21.88 -37.56 -1.42
N SER B 93 -21.23 -36.48 -0.99
CA SER B 93 -20.09 -36.59 -0.12
C SER B 93 -20.52 -36.60 1.35
N PRO B 94 -19.93 -37.45 2.20
CA PRO B 94 -20.23 -37.43 3.64
C PRO B 94 -19.84 -36.10 4.30
N THR B 95 -18.99 -35.30 3.66
CA THR B 95 -18.62 -33.99 4.18
C THR B 95 -19.26 -32.84 3.39
N TYR B 96 -20.41 -33.11 2.75
CA TYR B 96 -21.18 -32.09 2.04
C TYR B 96 -21.40 -30.87 2.94
N LEU B 97 -21.03 -29.69 2.41
CA LEU B 97 -21.17 -28.40 3.08
C LEU B 97 -20.25 -28.18 4.28
N LYS B 98 -19.31 -29.09 4.51
CA LYS B 98 -18.16 -28.80 5.38
C LYS B 98 -17.16 -27.96 4.60
N TRP B 99 -16.25 -27.30 5.33
CA TRP B 99 -15.28 -26.41 4.73
C TRP B 99 -13.93 -26.48 5.42
N GLU B 100 -12.91 -26.00 4.71
CA GLU B 100 -11.57 -25.90 5.25
C GLU B 100 -10.91 -24.61 4.78
N LYS B 101 -10.28 -23.92 5.73
CA LYS B 101 -9.61 -22.67 5.49
C LYS B 101 -8.10 -22.88 5.42
N PHE B 102 -7.48 -22.21 4.44
CA PHE B 102 -6.04 -22.09 4.36
C PHE B 102 -5.71 -20.60 4.28
N ILE B 103 -4.84 -20.12 5.19
CA ILE B 103 -4.35 -18.75 5.14
C ILE B 103 -3.07 -18.78 4.31
N ILE B 104 -3.16 -18.29 3.08
CA ILE B 104 -2.10 -18.42 2.12
C ILE B 104 -1.42 -17.07 1.91
N SER B 105 -0.09 -17.05 2.12
CA SER B 105 0.85 -15.95 1.73
C SER B 105 2.25 -16.47 1.47
N TYR B 106 3.25 -15.60 1.22
CA TYR B 106 4.64 -16.01 1.04
C TYR B 106 5.16 -16.85 2.24
N LYS B 107 4.59 -16.65 3.42
CA LYS B 107 5.07 -17.33 4.62
C LYS B 107 4.73 -18.83 4.63
N ASN B 108 3.58 -19.17 4.08
CA ASN B 108 3.13 -20.54 3.87
C ASN B 108 2.70 -20.65 2.43
N GLN B 109 3.69 -20.70 1.52
CA GLN B 109 3.42 -20.87 0.10
C GLN B 109 2.84 -22.24 -0.16
N GLN B 110 1.66 -22.25 -0.79
CA GLN B 110 0.75 -23.37 -0.65
C GLN B 110 -0.23 -23.22 -1.78
N LEU B 111 -0.43 -24.31 -2.52
CA LEU B 111 -1.42 -24.34 -3.60
C LEU B 111 -2.44 -25.40 -3.22
N ILE B 112 -3.72 -25.09 -3.44
CA ILE B 112 -4.80 -25.98 -3.05
C ILE B 112 -5.46 -26.46 -4.31
N LEU B 113 -5.61 -27.78 -4.44
CA LEU B 113 -6.23 -28.39 -5.59
C LEU B 113 -7.68 -28.75 -5.23
N LEU B 114 -8.63 -28.16 -5.96
CA LEU B 114 -10.06 -28.41 -5.79
C LEU B 114 -10.55 -29.24 -6.97
N PRO B 115 -11.19 -30.40 -6.73
CA PRO B 115 -11.89 -31.09 -7.81
C PRO B 115 -13.17 -30.34 -8.15
N PRO B 116 -13.90 -30.77 -9.21
CA PRO B 116 -15.20 -30.17 -9.55
C PRO B 116 -16.22 -30.32 -8.42
N ASN B 117 -17.28 -29.52 -8.49
CA ASN B 117 -18.36 -29.51 -7.49
C ASN B 117 -17.88 -29.19 -6.09
N MET B 118 -16.89 -28.31 -6.03
CA MET B 118 -16.40 -27.76 -4.79
C MET B 118 -16.55 -26.25 -4.89
N GLY B 119 -16.76 -25.62 -3.74
CA GLY B 119 -16.93 -24.20 -3.65
C GLY B 119 -15.58 -23.56 -3.41
N ASN B 120 -15.20 -22.65 -4.31
CA ASN B 120 -13.98 -21.86 -4.19
C ASN B 120 -14.34 -20.48 -3.67
N SER B 121 -13.57 -19.99 -2.70
CA SER B 121 -13.74 -18.66 -2.17
C SER B 121 -12.46 -18.18 -1.50
N HIS B 122 -12.29 -16.86 -1.45
CA HIS B 122 -11.19 -16.28 -0.71
C HIS B 122 -11.50 -14.88 -0.30
N TYR B 123 -10.89 -14.48 0.82
CA TYR B 123 -11.02 -13.17 1.44
C TYR B 123 -9.63 -12.57 1.53
N VAL B 124 -9.49 -11.30 1.10
CA VAL B 124 -8.20 -10.62 1.13
C VAL B 124 -7.95 -9.94 2.47
N SER B 125 -7.01 -10.49 3.26
CA SER B 125 -6.65 -9.96 4.56
C SER B 125 -5.47 -8.98 4.54
N SER B 126 -4.75 -8.89 3.41
CA SER B 126 -3.67 -7.93 3.25
C SER B 126 -4.23 -6.68 2.52
N LYS B 127 -3.39 -5.64 2.41
CA LYS B 127 -3.80 -4.40 1.76
C LYS B 127 -4.22 -4.66 0.31
N GLU B 128 -3.43 -5.48 -0.37
CA GLU B 128 -3.63 -5.90 -1.75
C GLU B 128 -3.24 -7.34 -1.80
N ALA B 129 -3.84 -8.10 -2.71
CA ALA B 129 -3.44 -9.46 -2.94
C ALA B 129 -3.49 -9.81 -4.41
N VAL B 130 -2.65 -10.76 -4.81
CA VAL B 130 -2.71 -11.35 -6.12
C VAL B 130 -2.93 -12.82 -5.95
N TYR B 131 -4.09 -13.26 -6.44
CA TYR B 131 -4.56 -14.63 -6.38
C TYR B 131 -4.29 -15.22 -7.76
N TYR B 132 -3.64 -16.39 -7.79
CA TYR B 132 -3.29 -17.09 -8.99
C TYR B 132 -4.06 -18.38 -8.98
N TYR B 133 -4.66 -18.72 -10.12
CA TYR B 133 -5.15 -20.06 -10.26
C TYR B 133 -5.10 -20.64 -11.64
N LYS B 134 -4.90 -21.96 -11.68
CA LYS B 134 -4.94 -22.75 -12.89
C LYS B 134 -6.25 -23.55 -12.96
N LEU B 135 -6.83 -23.63 -14.17
CA LEU B 135 -8.06 -24.35 -14.42
C LEU B 135 -7.80 -25.51 -15.37
N ALA B 136 -8.27 -26.70 -15.00
CA ALA B 136 -8.21 -27.88 -15.86
C ALA B 136 -9.62 -28.41 -16.07
N TYR B 137 -9.93 -28.79 -17.31
CA TYR B 137 -11.24 -29.32 -17.68
C TYR B 137 -11.14 -30.04 -19.03
N GLU B 138 -12.12 -30.91 -19.33
CA GLU B 138 -12.25 -31.52 -20.65
C GLU B 138 -13.04 -30.56 -21.56
N GLY B 139 -12.70 -30.54 -22.85
CA GLY B 139 -13.52 -29.89 -23.88
C GLY B 139 -13.60 -28.38 -23.80
N PHE B 148 -22.48 -22.61 -10.30
CA PHE B 148 -23.31 -22.41 -9.12
C PHE B 148 -22.64 -21.47 -8.11
N THR B 149 -23.45 -20.84 -7.25
CA THR B 149 -23.00 -19.92 -6.21
C THR B 149 -23.71 -20.19 -4.88
N TYR B 150 -22.92 -20.23 -3.80
CA TYR B 150 -23.42 -20.19 -2.44
C TYR B 150 -23.02 -18.85 -1.81
N ALA B 151 -23.92 -18.34 -0.96
CA ALA B 151 -23.67 -17.11 -0.20
C ALA B 151 -22.46 -17.34 0.69
N TRP B 152 -21.55 -16.35 0.72
CA TRP B 152 -20.35 -16.41 1.52
C TRP B 152 -20.66 -16.76 2.98
N ASN B 153 -21.79 -16.24 3.48
CA ASN B 153 -22.20 -16.37 4.89
C ASN B 153 -23.39 -17.32 5.10
N ASP B 154 -23.65 -18.17 4.11
CA ASP B 154 -24.66 -19.23 4.20
C ASP B 154 -24.52 -20.00 5.54
N GLU B 155 -25.60 -20.00 6.33
CA GLU B 155 -25.60 -20.58 7.66
C GLU B 155 -25.43 -22.10 7.67
N ARG B 156 -25.77 -22.77 6.56
CA ARG B 156 -25.58 -24.20 6.42
C ARG B 156 -24.10 -24.56 6.32
N ILE B 157 -23.29 -23.63 5.81
CA ILE B 157 -21.86 -23.83 5.69
C ILE B 157 -21.17 -23.33 6.97
N GLY B 158 -21.50 -22.09 7.39
CA GLY B 158 -20.98 -21.52 8.63
C GLY B 158 -19.49 -21.21 8.60
N ILE B 159 -19.03 -20.62 7.50
CA ILE B 159 -17.61 -20.30 7.38
C ILE B 159 -17.28 -19.24 8.42
N ASP B 160 -16.15 -19.42 9.09
CA ASP B 160 -15.54 -18.40 9.95
C ASP B 160 -14.67 -17.46 9.10
N TRP B 161 -15.24 -16.31 8.74
CA TRP B 161 -14.56 -15.26 8.02
C TRP B 161 -14.14 -14.20 9.01
N PRO B 162 -13.00 -13.51 8.82
CA PRO B 162 -12.55 -12.48 9.76
C PRO B 162 -13.43 -11.24 9.80
N THR B 163 -14.40 -11.10 8.89
CA THR B 163 -15.32 -9.97 8.91
C THR B 163 -16.77 -10.34 8.70
N ASN B 164 -17.67 -9.45 9.15
CA ASN B 164 -19.10 -9.49 8.86
C ASN B 164 -19.51 -8.56 7.71
N THR B 165 -18.58 -7.74 7.22
CA THR B 165 -18.91 -6.68 6.24
C THR B 165 -17.94 -6.66 5.07
N PRO B 166 -17.81 -7.79 4.33
CA PRO B 166 -16.89 -7.87 3.19
C PRO B 166 -17.37 -7.06 1.99
N ILE B 167 -16.45 -6.77 1.06
CA ILE B 167 -16.76 -6.13 -0.20
C ILE B 167 -17.07 -7.26 -1.18
N LEU B 168 -18.27 -7.23 -1.75
CA LEU B 168 -18.85 -8.30 -2.55
C LEU B 168 -19.24 -7.83 -3.95
N SER B 169 -19.10 -8.74 -4.92
CA SER B 169 -19.61 -8.57 -6.29
C SER B 169 -21.14 -8.66 -6.28
N ASP B 170 -21.78 -8.17 -7.34
CA ASP B 170 -23.24 -8.26 -7.48
C ASP B 170 -23.73 -9.72 -7.45
N ARG B 171 -23.00 -10.58 -8.18
CA ARG B 171 -23.18 -12.03 -8.14
C ARG B 171 -23.19 -12.59 -6.71
N ASP B 172 -22.14 -12.25 -5.95
CA ASP B 172 -21.94 -12.77 -4.60
C ASP B 172 -22.89 -12.13 -3.55
N ILE B 173 -23.38 -10.91 -3.83
CA ILE B 173 -24.47 -10.29 -3.07
C ILE B 173 -25.79 -11.01 -3.36
N LEU B 174 -26.03 -11.32 -4.66
CA LEU B 174 -27.30 -11.93 -5.07
C LEU B 174 -27.56 -13.24 -4.34
N ALA B 175 -26.52 -14.08 -4.23
CA ALA B 175 -26.61 -15.35 -3.51
C ALA B 175 -27.04 -15.20 -2.04
N ILE C 2 -12.33 -13.98 -23.24
CA ILE C 2 -10.86 -14.19 -23.14
C ILE C 2 -10.19 -13.88 -24.48
N GLU C 3 -9.54 -12.72 -24.54
CA GLU C 3 -8.90 -12.21 -25.73
C GLU C 3 -7.44 -11.92 -25.43
N PHE C 4 -6.61 -12.02 -26.47
CA PHE C 4 -5.23 -11.60 -26.42
C PHE C 4 -4.91 -10.82 -27.70
N ASP C 5 -4.39 -9.60 -27.54
CA ASP C 5 -3.76 -8.89 -28.63
C ASP C 5 -2.31 -9.37 -28.71
N ILE C 6 -1.87 -9.76 -29.91
CA ILE C 6 -0.53 -10.27 -30.15
C ILE C 6 0.17 -9.41 -31.20
N GLN C 7 1.38 -8.95 -30.89
CA GLN C 7 2.19 -8.08 -31.72
C GLN C 7 3.64 -8.58 -31.67
N GLU C 8 4.26 -8.76 -32.83
CA GLU C 8 5.68 -9.04 -32.90
C GLU C 8 6.43 -7.77 -32.56
N SER C 9 7.56 -7.93 -31.85
CA SER C 9 8.50 -6.84 -31.61
C SER C 9 8.88 -6.19 -32.94
N LYS C 10 9.04 -4.88 -32.94
CA LYS C 10 9.56 -4.15 -34.10
C LYS C 10 11.08 -4.28 -34.28
N ILE C 11 11.77 -4.74 -33.23
CA ILE C 11 13.23 -4.72 -33.12
C ILE C 11 13.87 -6.12 -33.15
N LEU C 12 13.24 -7.06 -32.43
CA LEU C 12 13.72 -8.42 -32.29
C LEU C 12 12.74 -9.43 -32.87
N LYS C 13 13.07 -9.96 -34.05
CA LYS C 13 12.20 -10.92 -34.74
C LYS C 13 11.98 -12.16 -33.88
N GLY C 14 10.73 -12.62 -33.83
CA GLY C 14 10.34 -13.80 -33.08
C GLY C 14 10.03 -13.56 -31.59
N VAL C 15 10.14 -12.31 -31.15
CA VAL C 15 9.74 -11.90 -29.83
C VAL C 15 8.37 -11.28 -29.98
N TYR C 16 7.42 -11.71 -29.13
CA TYR C 16 6.02 -11.26 -29.20
C TYR C 16 5.58 -10.60 -27.91
N ILE C 17 4.76 -9.56 -28.05
CA ILE C 17 4.16 -8.82 -26.96
C ILE C 17 2.66 -9.19 -26.93
N ILE C 18 2.24 -9.76 -25.80
CA ILE C 18 0.90 -10.28 -25.62
C ILE C 18 0.17 -9.45 -24.57
N THR C 19 -0.93 -8.82 -24.99
CA THR C 19 -1.76 -7.99 -24.13
C THR C 19 -3.12 -8.65 -23.91
N PRO C 20 -3.42 -9.13 -22.68
CA PRO C 20 -4.71 -9.74 -22.38
C PRO C 20 -5.74 -8.67 -22.11
N ASN C 21 -7.03 -8.97 -22.33
CA ASN C 21 -8.09 -8.11 -21.80
C ASN C 21 -8.22 -8.38 -20.29
N LYS C 22 -8.75 -7.39 -19.56
CA LYS C 22 -8.94 -7.48 -18.12
C LYS C 22 -10.35 -7.01 -17.84
N PHE C 23 -10.98 -7.62 -16.84
CA PHE C 23 -12.19 -7.10 -16.27
C PHE C 23 -11.73 -6.32 -15.03
N ARG C 24 -12.26 -5.10 -14.87
CA ARG C 24 -11.87 -4.22 -13.78
C ARG C 24 -13.10 -3.69 -13.12
N ASP C 25 -13.07 -3.58 -11.78
CA ASP C 25 -14.15 -2.96 -11.02
C ASP C 25 -13.64 -2.58 -9.63
N LEU C 26 -14.56 -2.22 -8.74
CA LEU C 26 -14.21 -1.78 -7.39
C LEU C 26 -13.43 -2.84 -6.62
N ARG C 27 -13.73 -4.13 -6.87
CA ARG C 27 -13.08 -5.24 -6.16
C ARG C 27 -11.61 -5.41 -6.57
N GLY C 28 -11.32 -5.16 -7.86
CA GLY C 28 -9.97 -5.16 -8.40
C GLY C 28 -10.01 -5.57 -9.87
N GLU C 29 -9.12 -6.47 -10.27
CA GLU C 29 -9.01 -6.87 -11.66
C GLU C 29 -8.84 -8.34 -11.81
N ILE C 30 -9.47 -8.90 -12.85
CA ILE C 30 -9.37 -10.29 -13.20
C ILE C 30 -8.91 -10.35 -14.63
N TRP C 31 -7.96 -11.25 -14.89
CA TRP C 31 -7.48 -11.48 -16.24
C TRP C 31 -6.88 -12.87 -16.41
N THR C 32 -6.93 -13.36 -17.64
CA THR C 32 -6.35 -14.61 -18.03
C THR C 32 -5.02 -14.32 -18.69
N ALA C 33 -3.95 -14.91 -18.13
CA ALA C 33 -2.60 -14.64 -18.61
C ALA C 33 -2.24 -15.58 -19.76
N PHE C 34 -2.93 -16.72 -19.83
CA PHE C 34 -2.58 -17.76 -20.76
C PHE C 34 -3.73 -18.73 -20.93
N THR C 35 -4.04 -19.05 -22.19
CA THR C 35 -4.81 -20.24 -22.53
C THR C 35 -4.02 -21.00 -23.58
N ASP C 36 -4.12 -22.34 -23.50
CA ASP C 36 -3.54 -23.25 -24.45
C ASP C 36 -4.16 -23.01 -25.83
N GLU C 37 -5.50 -22.94 -25.86
CA GLU C 37 -6.29 -22.67 -27.05
C GLU C 37 -5.73 -21.52 -27.91
N TYR C 38 -5.36 -20.41 -27.26
CA TYR C 38 -4.84 -19.22 -27.96
C TYR C 38 -3.33 -19.28 -28.14
N LEU C 39 -2.61 -19.24 -27.00
CA LEU C 39 -1.17 -18.98 -27.01
C LEU C 39 -0.22 -20.13 -27.31
N SER C 40 -0.74 -21.36 -27.46
CA SER C 40 0.14 -22.50 -27.78
C SER C 40 0.65 -22.47 -29.22
N LYS C 41 -0.03 -21.68 -30.08
CA LYS C 41 0.38 -21.49 -31.48
C LYS C 41 1.57 -20.53 -31.67
N LEU C 42 2.02 -19.92 -30.57
CA LEU C 42 3.19 -19.06 -30.56
C LEU C 42 4.52 -19.84 -30.54
N VAL C 43 4.44 -21.15 -30.26
CA VAL C 43 5.60 -22.02 -30.23
C VAL C 43 5.34 -23.22 -31.15
N PRO C 44 6.39 -23.86 -31.70
CA PRO C 44 6.23 -24.98 -32.62
C PRO C 44 5.42 -26.13 -32.03
N ASP C 45 4.93 -27.02 -32.90
CA ASP C 45 3.93 -28.02 -32.52
C ASP C 45 4.15 -28.91 -31.29
N GLY C 46 5.29 -29.63 -31.18
CA GLY C 46 5.56 -30.52 -30.07
C GLY C 46 6.08 -29.90 -28.78
N ILE C 47 6.21 -28.57 -28.77
CA ILE C 47 6.71 -27.82 -27.62
C ILE C 47 5.53 -27.24 -26.83
N LYS C 48 5.41 -27.65 -25.56
CA LYS C 48 4.31 -27.27 -24.67
C LYS C 48 4.79 -26.54 -23.42
N PHE C 49 3.97 -25.59 -22.96
CA PHE C 49 4.21 -24.90 -21.70
C PHE C 49 3.93 -25.86 -20.56
N LYS C 50 4.96 -26.17 -19.76
CA LYS C 50 4.91 -27.22 -18.76
C LYS C 50 5.25 -26.81 -17.33
N HIS C 51 5.76 -25.58 -17.17
CA HIS C 51 6.34 -25.07 -15.92
C HIS C 51 5.82 -23.68 -15.70
N ASP C 52 5.37 -23.40 -14.48
CA ASP C 52 4.93 -22.07 -14.06
C ASP C 52 5.78 -21.69 -12.87
N LYS C 53 6.37 -20.49 -12.93
CA LYS C 53 7.42 -20.11 -12.01
C LYS C 53 7.19 -18.69 -11.58
N PHE C 54 7.46 -18.39 -10.29
CA PHE C 54 7.38 -17.05 -9.75
C PHE C 54 8.71 -16.60 -9.17
N ILE C 55 9.05 -15.33 -9.40
CA ILE C 55 10.19 -14.70 -8.76
C ILE C 55 9.75 -13.44 -8.09
N ASN C 56 9.87 -13.44 -6.76
CA ASN C 56 9.48 -12.33 -5.91
C ASN C 56 10.78 -11.59 -5.52
N SER C 57 10.96 -10.35 -6.00
CA SER C 57 12.17 -9.57 -5.72
C SER C 57 11.91 -8.19 -5.15
N HIS C 58 12.87 -7.68 -4.40
CA HIS C 58 12.85 -6.35 -3.87
C HIS C 58 13.35 -5.31 -4.85
N PHE C 59 13.02 -4.07 -4.54
CA PHE C 59 13.53 -2.90 -5.22
C PHE C 59 15.03 -3.04 -5.52
N ASN C 60 15.40 -2.67 -6.74
CA ASN C 60 16.79 -2.55 -7.20
C ASN C 60 17.49 -3.90 -7.47
N VAL C 61 16.76 -5.01 -7.35
CA VAL C 61 17.24 -6.30 -7.75
C VAL C 61 17.20 -6.41 -9.27
N LEU C 62 18.30 -6.92 -9.83
CA LEU C 62 18.42 -7.20 -11.25
C LEU C 62 18.75 -8.67 -11.41
N ARG C 63 17.89 -9.39 -12.12
CA ARG C 63 18.12 -10.80 -12.45
C ARG C 63 18.46 -10.93 -13.92
N GLY C 64 19.56 -11.62 -14.24
CA GLY C 64 19.96 -11.88 -15.63
C GLY C 64 21.44 -11.61 -15.92
N ILE C 65 21.89 -11.82 -17.18
CA ILE C 65 21.06 -12.16 -18.32
C ILE C 65 21.20 -13.69 -18.55
N HIS C 66 20.05 -14.39 -18.57
CA HIS C 66 19.99 -15.86 -18.64
C HIS C 66 19.25 -16.37 -19.89
N GLY C 67 19.78 -17.45 -20.49
CA GLY C 67 19.14 -18.11 -21.61
C GLY C 67 19.65 -19.53 -21.75
N ASP C 68 19.05 -20.28 -22.68
CA ASP C 68 19.53 -21.61 -23.05
C ASP C 68 19.05 -21.93 -24.46
N VAL C 69 19.49 -23.09 -24.98
CA VAL C 69 19.22 -23.48 -26.35
C VAL C 69 17.79 -24.00 -26.60
N LYS C 70 17.07 -24.31 -25.52
CA LYS C 70 15.88 -25.17 -25.53
C LYS C 70 14.54 -24.49 -25.14
N THR C 71 14.61 -23.48 -24.27
CA THR C 71 13.45 -23.01 -23.52
C THR C 71 12.83 -21.71 -24.02
N TYR C 72 11.57 -21.83 -24.47
CA TYR C 72 10.68 -20.71 -24.74
C TYR C 72 10.16 -20.23 -23.38
N LYS C 73 10.06 -18.91 -23.21
CA LYS C 73 9.62 -18.30 -21.98
C LYS C 73 8.54 -17.28 -22.27
N LEU C 74 7.47 -17.32 -21.47
CA LEU C 74 6.43 -16.30 -21.47
C LEU C 74 6.48 -15.57 -20.12
N VAL C 75 6.85 -14.28 -20.15
CA VAL C 75 7.17 -13.53 -18.95
C VAL C 75 6.30 -12.32 -18.74
N THR C 76 5.97 -12.03 -17.48
CA THR C 76 5.24 -10.83 -17.13
C THR C 76 5.47 -10.49 -15.68
N CYS C 77 4.91 -9.34 -15.27
CA CYS C 77 4.92 -8.90 -13.89
C CYS C 77 3.50 -8.78 -13.40
N VAL C 78 3.17 -9.54 -12.35
CA VAL C 78 1.82 -9.59 -11.82
C VAL C 78 1.63 -8.76 -10.57
N TYR C 79 2.74 -8.24 -10.02
CA TYR C 79 2.66 -7.25 -8.97
C TYR C 79 3.90 -6.39 -9.01
N GLY C 80 3.71 -5.08 -8.86
CA GLY C 80 4.77 -4.11 -8.92
C GLY C 80 5.14 -3.75 -10.32
N GLU C 81 6.44 -3.50 -10.54
CA GLU C 81 6.92 -2.98 -11.81
C GLU C 81 8.33 -3.42 -12.05
N VAL C 82 8.63 -3.87 -13.27
CA VAL C 82 9.97 -4.28 -13.67
C VAL C 82 10.32 -3.71 -15.02
N HIS C 83 11.62 -3.50 -15.23
CA HIS C 83 12.20 -3.23 -16.55
C HIS C 83 12.63 -4.58 -17.04
N GLN C 84 11.85 -5.14 -17.96
CA GLN C 84 12.15 -6.42 -18.61
C GLN C 84 13.00 -6.11 -19.82
N VAL C 85 14.12 -6.82 -19.95
CA VAL C 85 15.00 -6.66 -21.09
C VAL C 85 15.25 -7.99 -21.72
N VAL C 86 14.96 -8.07 -23.02
CA VAL C 86 15.22 -9.23 -23.84
C VAL C 86 16.44 -8.92 -24.68
N VAL C 87 17.42 -9.84 -24.63
CA VAL C 87 18.62 -9.75 -25.46
C VAL C 87 18.56 -10.85 -26.52
N ASP C 88 18.87 -10.50 -27.77
CA ASP C 88 19.01 -11.47 -28.84
C ASP C 88 20.39 -12.13 -28.73
N CYS C 89 20.40 -13.40 -28.31
CA CYS C 89 21.63 -14.17 -28.21
C CYS C 89 21.71 -15.26 -29.26
N ARG C 90 20.96 -15.08 -30.35
CA ARG C 90 21.01 -15.96 -31.51
C ARG C 90 22.14 -15.50 -32.42
N LYS C 91 23.22 -16.29 -32.47
CA LYS C 91 24.43 -15.93 -33.20
C LYS C 91 24.23 -15.82 -34.72
N ASP C 92 23.15 -16.46 -35.23
CA ASP C 92 22.76 -16.33 -36.63
C ASP C 92 21.77 -15.19 -36.94
N SER C 93 21.39 -14.42 -35.93
CA SER C 93 20.40 -13.39 -36.11
C SER C 93 21.07 -12.07 -36.51
N PRO C 94 20.49 -11.31 -37.47
CA PRO C 94 21.02 -9.99 -37.82
C PRO C 94 20.96 -8.99 -36.66
N THR C 95 20.15 -9.28 -35.64
CA THR C 95 20.07 -8.43 -34.45
C THR C 95 20.74 -9.07 -33.23
N TYR C 96 21.72 -9.95 -33.46
CA TYR C 96 22.54 -10.55 -32.41
C TYR C 96 23.07 -9.46 -31.48
N LEU C 97 22.80 -9.63 -30.17
CA LEU C 97 23.25 -8.74 -29.10
C LEU C 97 22.58 -7.38 -29.06
N LYS C 98 21.56 -7.17 -29.91
CA LYS C 98 20.61 -6.07 -29.72
C LYS C 98 19.65 -6.47 -28.60
N TRP C 99 18.97 -5.47 -28.04
CA TRP C 99 18.08 -5.66 -26.92
C TRP C 99 16.84 -4.76 -27.00
N GLU C 100 15.82 -5.15 -26.24
CA GLU C 100 14.60 -4.36 -26.14
C GLU C 100 14.09 -4.40 -24.71
N LYS C 101 13.72 -3.21 -24.21
CA LYS C 101 13.19 -3.05 -22.89
C LYS C 101 11.68 -2.88 -22.92
N PHE C 102 11.00 -3.55 -22.00
CA PHE C 102 9.60 -3.35 -21.73
C PHE C 102 9.45 -3.05 -20.24
N ILE C 103 8.81 -1.93 -19.91
CA ILE C 103 8.48 -1.58 -18.55
C ILE C 103 7.10 -2.17 -18.27
N ILE C 104 7.06 -3.25 -17.50
CA ILE C 104 5.88 -4.01 -17.29
C ILE C 104 5.40 -3.75 -15.87
N SER C 105 4.18 -3.25 -15.76
CA SER C 105 3.61 -2.94 -14.48
C SER C 105 2.34 -3.71 -14.44
N TYR C 106 2.08 -4.22 -13.22
CA TYR C 106 0.91 -5.05 -12.97
C TYR C 106 -0.40 -4.29 -13.30
N LYS C 107 -0.34 -2.96 -13.31
CA LYS C 107 -1.45 -2.14 -13.77
C LYS C 107 -1.66 -2.23 -15.28
N ASN C 108 -0.58 -2.40 -16.04
CA ASN C 108 -0.61 -2.41 -17.52
C ASN C 108 -0.08 -3.72 -18.13
N GLN C 109 -0.91 -4.76 -18.03
CA GLN C 109 -0.47 -6.12 -18.19
C GLN C 109 -0.06 -6.42 -19.60
N GLN C 110 1.17 -6.93 -19.72
CA GLN C 110 1.68 -7.42 -20.96
C GLN C 110 2.63 -8.58 -20.66
N LEU C 111 2.62 -9.57 -21.54
CA LEU C 111 3.47 -10.74 -21.44
C LEU C 111 4.39 -10.74 -22.66
N ILE C 112 5.66 -11.12 -22.45
CA ILE C 112 6.63 -11.12 -23.51
C ILE C 112 7.01 -12.57 -23.76
N LEU C 113 6.94 -12.98 -25.03
CA LEU C 113 7.32 -14.32 -25.43
C LEU C 113 8.73 -14.31 -26.00
N LEU C 114 9.64 -15.05 -25.36
CA LEU C 114 11.03 -15.18 -25.79
C LEU C 114 11.22 -16.58 -26.37
N PRO C 115 11.73 -16.71 -27.62
CA PRO C 115 12.17 -18.01 -28.11
C PRO C 115 13.49 -18.40 -27.44
N PRO C 116 14.00 -19.63 -27.68
CA PRO C 116 15.29 -20.05 -27.14
C PRO C 116 16.43 -19.18 -27.63
N ASN C 117 17.58 -19.27 -26.96
CA ASN C 117 18.80 -18.51 -27.28
C ASN C 117 18.57 -17.01 -27.24
N MET C 118 17.72 -16.61 -26.30
CA MET C 118 17.49 -15.22 -25.99
C MET C 118 17.85 -15.02 -24.54
N GLY C 119 18.35 -13.83 -24.23
CA GLY C 119 18.74 -13.47 -22.90
C GLY C 119 17.56 -12.86 -22.20
N ASN C 120 17.18 -13.44 -21.06
CA ASN C 120 16.08 -12.94 -20.24
C ASN C 120 16.69 -12.22 -19.03
N SER C 121 16.15 -11.05 -18.72
CA SER C 121 16.58 -10.28 -17.57
C SER C 121 15.51 -9.28 -17.17
N HIS C 122 15.51 -8.90 -15.89
CA HIS C 122 14.61 -7.86 -15.40
C HIS C 122 15.14 -7.21 -14.17
N TYR C 123 14.78 -5.94 -14.02
CA TYR C 123 15.16 -5.06 -12.94
C TYR C 123 13.88 -4.60 -12.23
N VAL C 124 13.85 -4.69 -10.90
CA VAL C 124 12.69 -4.31 -10.10
C VAL C 124 12.73 -2.83 -9.72
N SER C 125 11.84 -2.03 -10.32
CA SER C 125 11.73 -0.58 -10.03
C SER C 125 10.72 -0.22 -8.92
N SER C 126 9.86 -1.18 -8.53
CA SER C 126 8.92 -1.00 -7.44
C SER C 126 9.50 -1.51 -6.13
N LYS C 127 8.80 -1.30 -5.00
CA LYS C 127 9.26 -1.75 -3.70
C LYS C 127 9.49 -3.26 -3.70
N GLU C 128 8.52 -3.96 -4.27
CA GLU C 128 8.48 -5.41 -4.37
C GLU C 128 7.88 -5.67 -5.73
N ALA C 129 8.26 -6.81 -6.32
CA ALA C 129 7.64 -7.25 -7.52
C ALA C 129 7.46 -8.74 -7.52
N VAL C 130 6.40 -9.19 -8.21
CA VAL C 130 6.21 -10.60 -8.48
C VAL C 130 6.24 -10.78 -9.99
N TYR C 131 7.26 -11.52 -10.43
CA TYR C 131 7.50 -11.86 -11.81
C TYR C 131 6.99 -13.26 -12.01
N TYR C 132 6.18 -13.45 -13.06
CA TYR C 132 5.58 -14.72 -13.38
C TYR C 132 6.13 -15.12 -14.72
N TYR C 133 6.53 -16.38 -14.86
CA TYR C 133 6.83 -16.88 -16.17
C TYR C 133 6.54 -18.33 -16.39
N LYS C 134 6.17 -18.63 -17.64
CA LYS C 134 5.95 -19.98 -18.11
C LYS C 134 7.11 -20.43 -19.00
N LEU C 135 7.50 -21.71 -18.87
CA LEU C 135 8.56 -22.31 -19.64
C LEU C 135 8.02 -23.44 -20.50
N ALA C 136 8.35 -23.43 -21.79
CA ALA C 136 8.01 -24.48 -22.72
C ALA C 136 9.28 -25.02 -23.36
N TYR C 137 9.34 -26.34 -23.50
CA TYR C 137 10.51 -27.02 -24.06
C TYR C 137 10.16 -28.42 -24.55
N ASP C 146 21.56 -26.48 -22.64
CA ASP C 146 22.57 -26.11 -21.65
C ASP C 146 22.67 -24.58 -21.58
N GLN C 147 22.73 -24.04 -20.35
CA GLN C 147 22.44 -22.64 -20.09
C GLN C 147 23.64 -21.72 -20.34
N PHE C 148 23.37 -20.41 -20.34
CA PHE C 148 24.40 -19.38 -20.49
C PHE C 148 24.01 -18.10 -19.75
N THR C 149 25.03 -17.28 -19.43
CA THR C 149 24.89 -16.02 -18.73
C THR C 149 25.74 -14.92 -19.37
N TYR C 150 25.13 -13.75 -19.58
CA TYR C 150 25.84 -12.53 -19.91
C TYR C 150 25.70 -11.57 -18.74
N ALA C 151 26.77 -10.81 -18.49
CA ALA C 151 26.81 -9.76 -17.47
C ALA C 151 25.74 -8.73 -17.82
N TRP C 152 25.02 -8.29 -16.79
CA TRP C 152 23.93 -7.34 -16.95
C TRP C 152 24.39 -6.09 -17.69
N ASN C 153 25.63 -5.67 -17.43
CA ASN C 153 26.22 -4.43 -17.94
C ASN C 153 27.29 -4.65 -19.01
N ASP C 154 27.31 -5.86 -19.58
CA ASP C 154 28.15 -6.18 -20.72
C ASP C 154 28.13 -5.07 -21.79
N GLU C 155 29.30 -4.49 -22.07
CA GLU C 155 29.43 -3.37 -23.00
C GLU C 155 29.12 -3.73 -24.46
N ARG C 156 29.23 -5.02 -24.79
CA ARG C 156 28.84 -5.51 -26.12
C ARG C 156 27.34 -5.40 -26.35
N ILE C 157 26.56 -5.49 -25.27
CA ILE C 157 25.10 -5.37 -25.35
C ILE C 157 24.69 -3.91 -25.16
N GLY C 158 25.23 -3.27 -24.11
CA GLY C 158 24.98 -1.86 -23.84
C GLY C 158 23.54 -1.56 -23.37
N ILE C 159 22.99 -2.40 -22.50
CA ILE C 159 21.64 -2.19 -22.03
C ILE C 159 21.61 -0.89 -21.23
N ASP C 160 20.57 -0.10 -21.46
CA ASP C 160 20.25 1.07 -20.65
C ASP C 160 19.35 0.63 -19.49
N TRP C 161 19.97 0.43 -18.32
CA TRP C 161 19.28 0.10 -17.08
C TRP C 161 19.13 1.38 -16.28
N PRO C 162 18.06 1.54 -15.47
CA PRO C 162 17.88 2.77 -14.70
C PRO C 162 18.90 2.99 -13.59
N THR C 163 19.73 1.99 -13.28
CA THR C 163 20.75 2.14 -12.27
C THR C 163 22.11 1.58 -12.71
N ASN C 164 23.16 2.09 -12.06
CA ASN C 164 24.52 1.60 -12.15
C ASN C 164 24.90 0.67 -10.98
N THR C 165 24.02 0.57 -9.97
CA THR C 165 24.32 -0.15 -8.74
C THR C 165 23.21 -1.10 -8.32
N PRO C 166 22.84 -2.08 -9.19
CA PRO C 166 21.78 -3.04 -8.88
C PRO C 166 22.23 -4.06 -7.84
N ILE C 167 21.27 -4.74 -7.22
CA ILE C 167 21.51 -5.83 -6.31
C ILE C 167 21.54 -7.10 -7.17
N LEU C 168 22.66 -7.83 -7.09
CA LEU C 168 22.97 -8.94 -7.99
C LEU C 168 23.24 -10.26 -7.28
N SER C 169 22.90 -11.37 -7.95
CA SER C 169 23.29 -12.73 -7.51
C SER C 169 24.78 -12.93 -7.76
N ASP C 170 25.36 -13.93 -7.10
CA ASP C 170 26.78 -14.28 -7.29
C ASP C 170 27.04 -14.70 -8.75
N ARG C 171 26.14 -15.52 -9.30
CA ARG C 171 26.10 -15.90 -10.72
C ARG C 171 26.18 -14.68 -11.64
N ASP C 172 25.28 -13.70 -11.41
CA ASP C 172 25.14 -12.52 -12.26
C ASP C 172 26.27 -11.48 -12.06
N ILE D 2 -1.47 28.85 -0.59
CA ILE D 2 -2.19 28.19 0.51
C ILE D 2 -3.61 28.75 0.62
N GLU D 3 -4.58 27.95 0.15
CA GLU D 3 -5.98 28.31 0.12
C GLU D 3 -6.78 27.26 0.87
N PHE D 4 -7.96 27.67 1.35
CA PHE D 4 -8.96 26.78 1.89
C PHE D 4 -10.31 27.22 1.36
N ASP D 5 -11.09 26.29 0.79
CA ASP D 5 -12.50 26.48 0.58
C ASP D 5 -13.20 26.14 1.90
N ILE D 6 -14.06 27.05 2.37
CA ILE D 6 -14.79 26.89 3.64
C ILE D 6 -16.29 26.97 3.34
N GLN D 7 -17.03 25.98 3.84
CA GLN D 7 -18.48 25.87 3.63
C GLN D 7 -19.09 25.44 4.93
N GLU D 8 -20.13 26.16 5.37
CA GLU D 8 -20.93 25.73 6.50
C GLU D 8 -21.74 24.51 6.10
N SER D 9 -21.89 23.57 7.03
CA SER D 9 -22.80 22.45 6.88
C SER D 9 -24.18 22.96 6.54
N LYS D 10 -24.89 22.22 5.69
CA LYS D 10 -26.29 22.50 5.37
C LYS D 10 -27.26 22.07 6.50
N ILE D 11 -26.78 21.21 7.41
CA ILE D 11 -27.61 20.44 8.36
C ILE D 11 -27.33 20.83 9.82
N LEU D 12 -26.05 21.06 10.14
CA LEU D 12 -25.62 21.41 11.48
C LEU D 12 -24.97 22.79 11.50
N LYS D 13 -25.70 23.78 12.00
CA LYS D 13 -25.20 25.15 12.09
C LYS D 13 -23.94 25.22 12.91
N GLY D 14 -22.96 25.98 12.41
CA GLY D 14 -21.67 26.17 13.07
C GLY D 14 -20.64 25.08 12.84
N VAL D 15 -21.00 24.06 12.06
CA VAL D 15 -20.08 23.03 11.62
C VAL D 15 -19.62 23.45 10.23
N TYR D 16 -18.31 23.42 10.01
CA TYR D 16 -17.70 23.84 8.74
C TYR D 16 -16.93 22.72 8.10
N ILE D 17 -17.02 22.65 6.77
CA ILE D 17 -16.28 21.72 5.94
C ILE D 17 -15.18 22.50 5.22
N ILE D 18 -13.93 22.13 5.50
CA ILE D 18 -12.78 22.86 5.03
C ILE D 18 -12.01 21.97 4.06
N THR D 19 -11.90 22.45 2.81
CA THR D 19 -11.23 21.74 1.73
C THR D 19 -9.98 22.53 1.33
N PRO D 20 -8.77 22.00 1.63
CA PRO D 20 -7.53 22.69 1.29
C PRO D 20 -7.22 22.47 -0.16
N ASN D 21 -6.46 23.38 -0.79
CA ASN D 21 -5.88 23.06 -2.06
C ASN D 21 -4.72 22.10 -1.80
N LYS D 22 -4.55 21.20 -2.75
CA LYS D 22 -3.54 20.18 -2.68
C LYS D 22 -2.81 20.26 -3.98
N PHE D 23 -1.50 20.04 -3.91
CA PHE D 23 -0.70 19.80 -5.07
C PHE D 23 -0.63 18.28 -5.18
N ARG D 24 -0.86 17.77 -6.39
CA ARG D 24 -0.85 16.35 -6.67
C ARG D 24 -0.01 16.11 -7.90
N ASP D 25 0.74 15.02 -7.89
CA ASP D 25 1.41 14.52 -9.08
C ASP D 25 1.79 13.06 -8.85
N LEU D 26 2.59 12.50 -9.74
CA LEU D 26 2.93 11.08 -9.65
C LEU D 26 3.71 10.74 -8.38
N ARG D 27 4.47 11.69 -7.85
CA ARG D 27 5.26 11.49 -6.63
C ARG D 27 4.38 11.40 -5.37
N GLY D 28 3.26 12.16 -5.37
CA GLY D 28 2.26 12.06 -4.34
C GLY D 28 1.51 13.36 -4.19
N GLU D 29 1.13 13.69 -2.96
CA GLU D 29 0.27 14.83 -2.68
C GLU D 29 0.73 15.58 -1.48
N ILE D 30 0.70 16.91 -1.60
CA ILE D 30 1.18 17.83 -0.59
C ILE D 30 0.06 18.79 -0.34
N TRP D 31 -0.21 19.06 0.93
CA TRP D 31 -1.26 19.98 1.29
C TRP D 31 -1.05 20.57 2.67
N THR D 32 -1.59 21.77 2.87
CA THR D 32 -1.57 22.44 4.16
C THR D 32 -2.92 22.21 4.82
N ALA D 33 -2.90 21.62 6.02
CA ALA D 33 -4.13 21.26 6.72
C ALA D 33 -4.66 22.41 7.54
N PHE D 34 -3.77 23.34 7.89
CA PHE D 34 -4.10 24.40 8.81
C PHE D 34 -3.09 25.51 8.69
N THR D 35 -3.60 26.74 8.66
CA THR D 35 -2.82 27.94 8.92
C THR D 35 -3.57 28.75 9.95
N ASP D 36 -2.80 29.39 10.83
CA ASP D 36 -3.35 30.31 11.83
C ASP D 36 -3.98 31.52 11.13
N GLU D 37 -3.26 32.08 10.16
CA GLU D 37 -3.72 33.20 9.32
C GLU D 37 -5.14 33.00 8.77
N TYR D 38 -5.44 31.79 8.27
CA TYR D 38 -6.69 31.48 7.59
C TYR D 38 -7.77 30.91 8.48
N LEU D 39 -7.42 29.94 9.33
CA LEU D 39 -8.43 29.18 10.10
C LEU D 39 -8.66 29.59 11.56
N SER D 40 -7.88 30.53 12.09
CA SER D 40 -8.12 31.08 13.43
C SER D 40 -9.38 31.94 13.52
N LYS D 41 -9.84 32.45 12.37
CA LYS D 41 -11.04 33.27 12.31
C LYS D 41 -12.35 32.45 12.29
N LEU D 42 -12.23 31.12 12.26
CA LEU D 42 -13.36 30.22 12.37
C LEU D 42 -13.80 29.96 13.81
N VAL D 43 -13.01 30.41 14.77
CA VAL D 43 -13.30 30.29 16.18
C VAL D 43 -13.23 31.65 16.84
N PRO D 44 -13.94 31.90 17.97
CA PRO D 44 -13.93 33.21 18.61
C PRO D 44 -12.54 33.68 19.02
N ASP D 45 -12.41 34.99 19.24
CA ASP D 45 -11.20 35.58 19.76
C ASP D 45 -10.83 34.99 21.09
N GLY D 46 -9.53 34.80 21.29
CA GLY D 46 -8.98 34.22 22.50
C GLY D 46 -8.84 32.72 22.47
N ILE D 47 -9.54 32.03 21.56
CA ILE D 47 -9.53 30.58 21.47
C ILE D 47 -8.54 30.15 20.37
N LYS D 48 -7.51 29.39 20.78
CA LYS D 48 -6.37 29.06 19.91
C LYS D 48 -6.19 27.54 19.83
N PHE D 49 -5.81 27.06 18.64
CA PHE D 49 -5.48 25.67 18.44
C PHE D 49 -4.14 25.38 19.10
N LYS D 50 -4.15 24.48 20.09
CA LYS D 50 -3.01 24.24 20.97
C LYS D 50 -2.51 22.80 21.06
N HIS D 51 -3.27 21.86 20.48
CA HIS D 51 -3.03 20.42 20.58
C HIS D 51 -3.19 19.81 19.22
N ASP D 52 -2.25 18.95 18.84
CA ASP D 52 -2.35 18.14 17.63
C ASP D 52 -2.28 16.69 18.06
N LYS D 53 -3.24 15.89 17.57
CA LYS D 53 -3.43 14.54 18.06
C LYS D 53 -3.65 13.62 16.87
N PHE D 54 -3.13 12.40 16.96
CA PHE D 54 -3.32 11.36 15.97
C PHE D 54 -3.93 10.12 16.58
N ILE D 55 -4.83 9.47 15.83
CA ILE D 55 -5.39 8.19 16.23
C ILE D 55 -5.26 7.25 15.06
N ASN D 56 -4.46 6.19 15.27
CA ASN D 56 -4.21 5.17 14.29
C ASN D 56 -5.06 3.95 14.67
N SER D 57 -6.04 3.60 13.84
CA SER D 57 -6.96 2.47 14.12
C SER D 57 -7.05 1.49 12.98
N HIS D 58 -7.38 0.25 13.32
CA HIS D 58 -7.61 -0.80 12.34
C HIS D 58 -9.05 -0.75 11.83
N PHE D 59 -9.23 -1.44 10.71
CA PHE D 59 -10.52 -1.73 10.14
C PHE D 59 -11.54 -2.10 11.22
N ASN D 60 -12.74 -1.53 11.09
CA ASN D 60 -13.90 -1.88 11.92
C ASN D 60 -13.89 -1.31 13.34
N VAL D 61 -12.88 -0.49 13.64
CA VAL D 61 -12.86 0.26 14.90
C VAL D 61 -13.78 1.46 14.79
N LEU D 62 -14.60 1.65 15.83
CA LEU D 62 -15.49 2.82 15.93
C LEU D 62 -15.15 3.55 17.23
N ARG D 63 -14.79 4.82 17.11
CA ARG D 63 -14.52 5.69 18.26
C ARG D 63 -15.64 6.70 18.39
N GLY D 64 -16.22 6.81 19.59
CA GLY D 64 -17.25 7.83 19.88
C GLY D 64 -18.47 7.29 20.66
N ILE D 65 -19.46 8.15 20.94
CA ILE D 65 -19.52 9.54 20.52
C ILE D 65 -19.08 10.42 21.70
N HIS D 66 -18.08 11.29 21.47
CA HIS D 66 -17.42 12.09 22.51
C HIS D 66 -17.52 13.61 22.25
N GLY D 67 -17.68 14.38 23.33
CA GLY D 67 -17.67 15.83 23.27
C GLY D 67 -17.43 16.43 24.64
N ASP D 68 -17.32 17.75 24.68
CA ASP D 68 -17.22 18.48 25.93
C ASP D 68 -17.69 19.92 25.73
N VAL D 69 -17.76 20.68 26.82
CA VAL D 69 -18.32 22.03 26.82
C VAL D 69 -17.38 23.09 26.22
N LYS D 70 -16.10 22.75 26.08
CA LYS D 70 -15.00 23.72 25.91
C LYS D 70 -14.23 23.68 24.59
N THR D 71 -14.17 22.51 23.95
CA THR D 71 -13.18 22.23 22.92
C THR D 71 -13.72 22.23 21.50
N TYR D 72 -13.19 23.16 20.70
CA TYR D 72 -13.34 23.18 19.24
C TYR D 72 -12.37 22.13 18.71
N LYS D 73 -12.83 21.33 17.72
CA LYS D 73 -12.03 20.27 17.13
C LYS D 73 -12.05 20.43 15.62
N LEU D 74 -10.86 20.32 15.02
CA LEU D 74 -10.69 20.25 13.58
C LEU D 74 -10.19 18.85 13.23
N VAL D 75 -11.01 18.08 12.52
CA VAL D 75 -10.79 16.66 12.32
C VAL D 75 -10.65 16.29 10.86
N THR D 76 -9.79 15.29 10.59
CA THR D 76 -9.65 14.76 9.25
C THR D 76 -9.02 13.38 9.31
N CYS D 77 -8.90 12.75 8.14
CA CYS D 77 -8.23 11.47 7.97
C CYS D 77 -7.08 11.68 6.98
N VAL D 78 -5.86 11.41 7.44
CA VAL D 78 -4.67 11.62 6.67
C VAL D 78 -4.12 10.34 6.06
N TYR D 79 -4.67 9.19 6.44
CA TYR D 79 -4.40 7.95 5.75
C TYR D 79 -5.59 7.02 5.92
N GLY D 80 -5.98 6.36 4.84
CA GLY D 80 -7.09 5.44 4.81
C GLY D 80 -8.39 6.16 4.60
N GLU D 81 -9.44 5.64 5.24
CA GLU D 81 -10.79 6.15 5.06
C GLU D 81 -11.57 5.93 6.34
N VAL D 82 -12.32 6.96 6.75
CA VAL D 82 -13.21 6.87 7.90
C VAL D 82 -14.58 7.41 7.54
N HIS D 83 -15.60 6.91 8.24
CA HIS D 83 -16.93 7.53 8.27
C HIS D 83 -16.89 8.39 9.50
N GLN D 84 -16.77 9.70 9.29
CA GLN D 84 -16.77 10.72 10.35
C GLN D 84 -18.21 11.10 10.55
N VAL D 85 -18.67 11.06 11.80
CA VAL D 85 -20.02 11.49 12.12
C VAL D 85 -19.99 12.54 13.20
N VAL D 86 -20.57 13.69 12.90
CA VAL D 86 -20.74 14.79 13.84
C VAL D 86 -22.18 14.76 14.33
N VAL D 87 -22.34 14.77 15.65
CA VAL D 87 -23.64 14.85 16.29
C VAL D 87 -23.77 16.21 16.97
N ASP D 88 -24.94 16.84 16.81
CA ASP D 88 -25.28 18.06 17.52
C ASP D 88 -25.72 17.70 18.94
N CYS D 89 -24.88 18.00 19.93
CA CYS D 89 -25.20 17.74 21.34
C CYS D 89 -25.41 19.03 22.10
N ARG D 90 -25.77 20.10 21.38
CA ARG D 90 -26.13 21.38 21.98
C ARG D 90 -27.62 21.33 22.34
N LYS D 91 -27.91 21.27 23.64
CA LYS D 91 -29.27 21.09 24.13
C LYS D 91 -30.20 22.28 23.80
N ASP D 92 -29.62 23.45 23.53
CA ASP D 92 -30.35 24.63 23.05
C ASP D 92 -30.46 24.75 21.52
N SER D 93 -29.93 23.78 20.77
CA SER D 93 -29.94 23.86 19.33
C SER D 93 -31.22 23.23 18.78
N PRO D 94 -31.87 23.84 17.76
CA PRO D 94 -33.02 23.22 17.11
C PRO D 94 -32.69 21.90 16.39
N THR D 95 -31.40 21.64 16.15
CA THR D 95 -30.97 20.37 15.56
C THR D 95 -30.29 19.45 16.57
N TYR D 96 -30.61 19.62 17.85
CA TYR D 96 -30.13 18.74 18.93
C TYR D 96 -30.35 17.26 18.55
N LEU D 97 -29.27 16.49 18.62
CA LEU D 97 -29.21 15.06 18.34
C LEU D 97 -29.37 14.67 16.89
N LYS D 98 -29.43 15.65 15.98
CA LYS D 98 -29.26 15.37 14.54
C LYS D 98 -27.80 15.12 14.25
N TRP D 99 -27.52 14.48 13.11
CA TRP D 99 -26.14 14.12 12.77
C TRP D 99 -25.84 14.26 11.29
N GLU D 100 -24.55 14.32 10.97
CA GLU D 100 -24.11 14.39 9.59
C GLU D 100 -22.84 13.55 9.44
N LYS D 101 -22.82 12.75 8.38
CA LYS D 101 -21.73 11.88 8.06
C LYS D 101 -20.89 12.47 6.93
N PHE D 102 -19.57 12.38 7.09
CA PHE D 102 -18.62 12.67 6.03
C PHE D 102 -17.73 11.44 5.90
N ILE D 103 -17.67 10.89 4.68
CA ILE D 103 -16.75 9.82 4.36
C ILE D 103 -15.45 10.50 3.93
N ILE D 104 -14.43 10.46 4.79
CA ILE D 104 -13.23 11.22 4.58
C ILE D 104 -12.13 10.25 4.21
N SER D 105 -11.58 10.48 3.02
CA SER D 105 -10.56 9.65 2.47
C SER D 105 -9.38 10.54 2.31
N TYR D 106 -8.22 9.99 2.67
CA TYR D 106 -6.96 10.70 2.57
C TYR D 106 -6.68 11.18 1.13
N LYS D 107 -7.30 10.53 0.15
CA LYS D 107 -7.19 10.96 -1.23
C LYS D 107 -8.00 12.22 -1.48
N ASN D 108 -9.08 12.44 -0.72
CA ASN D 108 -9.97 13.59 -0.90
C ASN D 108 -10.04 14.47 0.36
N GLN D 109 -8.97 15.25 0.55
CA GLN D 109 -8.66 15.90 1.80
C GLN D 109 -9.70 16.92 2.18
N GLN D 110 -10.22 16.76 3.38
CA GLN D 110 -11.35 17.51 3.88
C GLN D 110 -11.23 17.48 5.40
N LEU D 111 -11.39 18.65 6.02
CA LEU D 111 -11.35 18.77 7.47
C LEU D 111 -12.71 19.29 7.95
N ILE D 112 -13.18 18.80 9.10
CA ILE D 112 -14.46 19.21 9.64
C ILE D 112 -14.20 19.94 10.93
N LEU D 113 -14.77 21.13 11.06
CA LEU D 113 -14.65 21.93 12.27
C LEU D 113 -15.90 21.76 13.13
N LEU D 114 -15.72 21.25 14.34
CA LEU D 114 -16.80 21.05 15.32
C LEU D 114 -16.64 22.09 16.42
N PRO D 115 -17.69 22.91 16.71
CA PRO D 115 -17.69 23.73 17.92
C PRO D 115 -17.87 22.86 19.16
N PRO D 116 -17.78 23.44 20.37
CA PRO D 116 -18.04 22.68 21.59
C PRO D 116 -19.45 22.12 21.65
N ASN D 117 -19.66 21.14 22.54
CA ASN D 117 -20.94 20.47 22.74
C ASN D 117 -21.44 19.80 21.47
N MET D 118 -20.50 19.25 20.72
CA MET D 118 -20.79 18.44 19.56
C MET D 118 -20.17 17.08 19.80
N GLY D 119 -20.83 16.05 19.27
CA GLY D 119 -20.40 14.68 19.43
C GLY D 119 -19.50 14.36 18.26
N ASN D 120 -18.28 13.94 18.57
CA ASN D 120 -17.31 13.51 17.58
C ASN D 120 -17.27 11.98 17.58
N SER D 121 -17.27 11.38 16.40
CA SER D 121 -17.12 9.95 16.26
C SER D 121 -16.62 9.61 14.86
N HIS D 122 -15.98 8.44 14.72
CA HIS D 122 -15.60 7.93 13.43
C HIS D 122 -15.44 6.44 13.45
N TYR D 123 -15.65 5.84 12.26
CA TYR D 123 -15.57 4.40 12.01
C TYR D 123 -14.53 4.21 10.91
N VAL D 124 -13.61 3.25 11.10
CA VAL D 124 -12.56 2.98 10.13
C VAL D 124 -13.01 1.95 9.09
N SER D 125 -13.21 2.40 7.85
CA SER D 125 -13.63 1.54 6.74
C SER D 125 -12.49 0.99 5.90
N SER D 126 -11.27 1.52 6.07
CA SER D 126 -10.09 0.99 5.38
C SER D 126 -9.35 0.00 6.29
N LYS D 127 -8.30 -0.64 5.76
CA LYS D 127 -7.55 -1.63 6.52
C LYS D 127 -6.97 -1.00 7.80
N GLU D 128 -6.43 0.22 7.64
CA GLU D 128 -5.88 1.02 8.71
C GLU D 128 -6.29 2.44 8.37
N ALA D 129 -6.36 3.29 9.39
CA ALA D 129 -6.54 4.69 9.18
C ALA D 129 -5.73 5.49 10.17
N VAL D 130 -5.37 6.70 9.74
CA VAL D 130 -4.76 7.67 10.61
C VAL D 130 -5.66 8.89 10.62
N TYR D 131 -6.21 9.16 11.80
CA TYR D 131 -7.10 10.26 12.06
C TYR D 131 -6.28 11.34 12.72
N TYR D 132 -6.38 12.56 12.20
CA TYR D 132 -5.68 13.71 12.72
C TYR D 132 -6.71 14.68 13.26
N TYR D 133 -6.46 15.22 14.45
CA TYR D 133 -7.25 16.34 14.87
C TYR D 133 -6.54 17.36 15.72
N LYS D 134 -6.95 18.62 15.51
CA LYS D 134 -6.52 19.74 16.31
C LYS D 134 -7.60 20.16 17.32
N LEU D 135 -7.18 20.51 18.54
CA LEU D 135 -8.05 20.97 19.60
C LEU D 135 -7.74 22.41 19.96
N ALA D 136 -8.79 23.25 20.03
CA ALA D 136 -8.69 24.63 20.49
C ALA D 136 -9.62 24.86 21.64
N TYR D 137 -9.14 25.59 22.64
CA TYR D 137 -9.89 25.89 23.87
C TYR D 137 -9.23 27.06 24.60
N GLU D 138 -9.98 27.70 25.48
CA GLU D 138 -9.46 28.72 26.41
C GLU D 138 -8.90 27.98 27.65
N GLY D 139 -7.82 28.50 28.25
CA GLY D 139 -7.25 27.92 29.46
C GLY D 139 -6.64 26.52 29.32
N GLU D 140 -6.71 25.73 30.39
CA GLU D 140 -6.02 24.42 30.49
C GLU D 140 -6.76 23.29 29.80
N TYR D 141 -6.00 22.27 29.36
CA TYR D 141 -6.61 21.09 28.74
C TYR D 141 -7.47 20.33 29.75
N GLN D 147 -16.88 16.77 29.92
CA GLN D 147 -16.78 15.63 29.00
C GLN D 147 -18.05 14.78 29.08
N PHE D 148 -18.45 14.21 27.93
CA PHE D 148 -19.66 13.40 27.83
C PHE D 148 -19.56 12.35 26.70
N THR D 149 -20.35 11.28 26.81
CA THR D 149 -20.40 10.18 25.87
C THR D 149 -21.83 9.75 25.55
N TYR D 150 -22.13 9.57 24.26
CA TYR D 150 -23.34 8.93 23.79
C TYR D 150 -22.94 7.61 23.13
N ALA D 151 -23.80 6.60 23.29
CA ALA D 151 -23.66 5.29 22.66
C ALA D 151 -23.64 5.47 21.16
N TRP D 152 -22.70 4.78 20.50
CA TRP D 152 -22.51 4.88 19.06
C TRP D 152 -23.83 4.61 18.32
N ASN D 153 -24.62 3.67 18.86
CA ASN D 153 -25.87 3.19 18.24
C ASN D 153 -27.13 3.66 18.95
N ASP D 154 -27.01 4.71 19.77
CA ASP D 154 -28.16 5.35 20.44
C ASP D 154 -29.32 5.58 19.44
N GLU D 155 -30.48 5.00 19.73
CA GLU D 155 -31.63 5.07 18.81
C GLU D 155 -32.23 6.46 18.67
N ARG D 156 -32.00 7.32 19.66
CA ARG D 156 -32.42 8.73 19.60
C ARG D 156 -31.63 9.51 18.57
N ILE D 157 -30.40 9.08 18.28
CA ILE D 157 -29.57 9.71 17.26
C ILE D 157 -29.83 9.00 15.91
N GLY D 158 -29.75 7.67 15.90
CA GLY D 158 -30.03 6.86 14.72
C GLY D 158 -28.98 6.98 13.63
N ILE D 159 -27.70 6.98 14.01
CA ILE D 159 -26.65 7.10 13.01
C ILE D 159 -26.68 5.84 12.13
N ASP D 160 -26.54 6.05 10.83
CA ASP D 160 -26.33 4.96 9.87
C ASP D 160 -24.83 4.62 9.78
N TRP D 161 -24.42 3.57 10.50
CA TRP D 161 -23.05 3.06 10.46
C TRP D 161 -23.00 1.87 9.52
N PRO D 162 -21.88 1.65 8.79
CA PRO D 162 -21.81 0.53 7.85
C PRO D 162 -21.80 -0.85 8.48
N THR D 163 -21.65 -0.94 9.81
CA THR D 163 -21.70 -2.23 10.49
C THR D 163 -22.54 -2.17 11.75
N ASN D 164 -23.00 -3.35 12.18
CA ASN D 164 -23.66 -3.59 13.46
C ASN D 164 -22.72 -4.17 14.52
N THR D 165 -21.48 -4.50 14.13
CA THR D 165 -20.55 -5.16 15.03
C THR D 165 -19.17 -4.50 15.02
N PRO D 166 -19.10 -3.19 15.37
CA PRO D 166 -17.82 -2.48 15.41
C PRO D 166 -16.97 -2.92 16.60
N ILE D 167 -15.66 -2.62 16.53
CA ILE D 167 -14.73 -2.86 17.61
C ILE D 167 -14.73 -1.60 18.46
N LEU D 168 -15.05 -1.76 19.75
CA LEU D 168 -15.34 -0.65 20.67
C LEU D 168 -14.43 -0.68 21.90
N SER D 169 -14.10 0.52 22.39
CA SER D 169 -13.40 0.72 23.66
C SER D 169 -14.37 0.43 24.79
N ASP D 170 -13.81 0.20 25.99
CA ASP D 170 -14.60 -0.05 27.20
C ASP D 170 -15.52 1.15 27.50
N ARG D 171 -14.97 2.36 27.40
CA ARG D 171 -15.71 3.62 27.49
C ARG D 171 -16.94 3.63 26.57
N ASP D 172 -16.70 3.33 25.28
CA ASP D 172 -17.74 3.38 24.25
C ASP D 172 -18.75 2.21 24.34
N ILE D 173 -18.31 1.08 24.90
CA ILE D 173 -19.22 -0.01 25.29
C ILE D 173 -20.09 0.40 26.48
N LEU D 174 -19.47 1.07 27.48
CA LEU D 174 -20.17 1.43 28.71
C LEU D 174 -21.39 2.31 28.42
N ALA D 175 -21.22 3.30 27.53
CA ALA D 175 -22.32 4.16 27.08
C ALA D 175 -23.47 3.38 26.41
N THR D 176 -23.16 2.16 25.92
CA THR D 176 -24.13 1.23 25.33
C THR D 176 -25.04 0.53 26.35
N LYS D 177 -24.57 0.41 27.60
CA LYS D 177 -25.29 -0.25 28.70
C LYS D 177 -25.29 0.59 30.00
#